data_8GR9
#
_entry.id   8GR9
#
_cell.length_a   63.079
_cell.length_b   129.659
_cell.length_c   68.127
_cell.angle_alpha   90.000
_cell.angle_beta   116.574
_cell.angle_gamma   90.000
#
_symmetry.space_group_name_H-M   'P 1 21 1'
#
loop_
_entity.id
_entity.type
_entity.pdbx_description
1 polymer 'Citrate synthase'
2 non-polymer 'COENZYME A'
3 non-polymer GLYCEROL
4 non-polymer 'POTASSIUM ION'
5 non-polymer 'CHLORIDE ION'
6 non-polymer 'OXALOACETATE ION'
7 water water
#
_entity_poly.entity_id   1
_entity_poly.type   'polypeptide(L)'
_entity_poly.pdbx_seq_one_letter_code
;MTVPYLNSNRNVASYLQSNSSQEKTLKERFSEIYPIHAQDVRQFVKEHGKTKISDVLLEQVYGGMRGIPGSVWEGSVLDP
EDGIRFRGRTIADIQKDLPKAKGSSQPLPEALFWLLLTGEVPTQAQVENLSADLMSRSELPSHVVQLLDNLPKDLHPMAQ
FSIAVTALESESKFAKAYAQGISKQDYWSYTFEDSLDLLGKLPVIAAKIYRNVFKDGKMGEVDPNADYAKNLVNLIGSKD
EDFVDLMRLYLTIHSDHEGGNVSAHTSHLVGSALSSPYLSLASGLNGLAGPLHGRANQEVLEWLFALKEEVNDDYSKDTI
EKYLWDTLNSGRVIPGYGHAVLRKTDPRYMAQRKFAMDHFPDYELFKLVSSIYEVAPGVLTEHGKTKNPWPNVDAHSGVL
LQYYGLKESSFYTVLFGVSRAFGILAQLITDRAIGASIERPKSYSTEKYKELVKNIESKL
;
_entity_poly.pdbx_strand_id   A,B
#
loop_
_chem_comp.id
_chem_comp.type
_chem_comp.name
_chem_comp.formula
CL non-polymer 'CHLORIDE ION' 'Cl -1'
COA non-polymer 'COENZYME A' 'C21 H36 N7 O16 P3 S'
GOL non-polymer GLYCEROL 'C3 H8 O3'
K non-polymer 'POTASSIUM ION' 'K 1'
OAA non-polymer 'OXALOACETATE ION' 'C4 H3 O5 -1'
#
# COMPACT_ATOMS: atom_id res chain seq x y z
N GLU A 23 19.35 2.81 33.57
CA GLU A 23 19.87 2.78 32.20
C GLU A 23 18.99 3.59 31.26
N LYS A 24 19.54 3.94 30.09
CA LYS A 24 18.78 4.71 29.13
C LYS A 24 17.60 3.89 28.59
N THR A 25 16.49 4.56 28.33
CA THR A 25 15.39 3.92 27.64
C THR A 25 15.67 3.89 26.13
N LEU A 26 14.86 3.11 25.42
CA LEU A 26 14.99 3.05 23.97
C LEU A 26 14.81 4.43 23.34
N LYS A 27 13.81 5.18 23.79
CA LYS A 27 13.59 6.51 23.23
C LYS A 27 14.74 7.45 23.54
N GLU A 28 15.28 7.38 24.76
CA GLU A 28 16.39 8.23 25.13
C GLU A 28 17.62 7.94 24.27
N ARG A 29 17.97 6.66 24.13
CA ARG A 29 19.14 6.31 23.31
C ARG A 29 18.91 6.68 21.85
N PHE A 30 17.70 6.45 21.33
CA PHE A 30 17.42 6.81 19.94
C PHE A 30 17.55 8.32 19.71
N SER A 31 17.11 9.12 20.68
CA SER A 31 17.20 10.57 20.53
C SER A 31 18.65 11.04 20.43
N GLU A 32 19.59 10.26 20.96
CA GLU A 32 21.00 10.63 20.86
C GLU A 32 21.61 10.22 19.53
N ILE A 33 21.14 9.12 18.94
CA ILE A 33 21.79 8.59 17.75
C ILE A 33 21.21 9.12 16.44
N TYR A 34 19.92 9.46 16.40
CA TYR A 34 19.32 9.88 15.14
C TYR A 34 19.91 11.17 14.57
N PRO A 35 20.26 12.19 15.36
CA PRO A 35 20.89 13.37 14.75
C PRO A 35 22.23 13.05 14.09
N ILE A 36 22.98 12.09 14.65
CA ILE A 36 24.25 11.69 14.05
C ILE A 36 24.01 10.98 12.72
N HIS A 37 22.99 10.11 12.67
CA HIS A 37 22.64 9.45 11.42
C HIS A 37 22.17 10.46 10.38
N ALA A 38 21.38 11.44 10.81
CA ALA A 38 20.90 12.46 9.88
C ALA A 38 22.05 13.23 9.25
N GLN A 39 23.02 13.66 10.07
CA GLN A 39 24.18 14.37 9.54
C GLN A 39 25.01 13.47 8.63
N ASP A 40 25.16 12.20 9.00
CA ASP A 40 25.94 11.26 8.21
C ASP A 40 25.32 11.05 6.83
N VAL A 41 23.99 10.91 6.77
CA VAL A 41 23.33 10.74 5.48
C VAL A 41 23.45 12.00 4.63
N ARG A 42 23.28 13.17 5.24
CA ARG A 42 23.34 14.43 4.49
C ARG A 42 24.71 14.60 3.83
N GLN A 43 25.78 14.33 4.58
CA GLN A 43 27.12 14.48 4.03
C GLN A 43 27.38 13.45 2.95
N PHE A 44 26.93 12.21 3.17
CA PHE A 44 27.12 11.13 2.21
C PHE A 44 26.47 11.48 0.87
N VAL A 45 25.21 11.91 0.90
CA VAL A 45 24.51 12.26 -0.33
C VAL A 45 25.10 13.51 -0.97
N LYS A 46 25.53 14.47 -0.14
CA LYS A 46 26.15 15.68 -0.69
C LYS A 46 27.43 15.36 -1.44
N GLU A 47 28.25 14.48 -0.89
CA GLU A 47 29.57 14.20 -1.48
C GLU A 47 29.50 13.14 -2.58
N HIS A 48 28.52 12.24 -2.53
CA HIS A 48 28.50 11.09 -3.42
C HIS A 48 27.19 10.92 -4.18
N GLY A 49 26.27 11.88 -4.06
CA GLY A 49 24.94 11.72 -4.63
C GLY A 49 24.92 11.48 -6.12
N LYS A 50 25.89 12.00 -6.86
CA LYS A 50 25.90 11.84 -8.31
C LYS A 50 26.53 10.53 -8.77
N THR A 51 27.04 9.70 -7.86
CA THR A 51 27.62 8.43 -8.26
C THR A 51 26.53 7.47 -8.72
N LYS A 52 26.72 6.87 -9.89
CA LYS A 52 25.79 5.89 -10.42
C LYS A 52 25.96 4.56 -9.70
N ILE A 53 24.87 4.04 -9.13
CA ILE A 53 24.93 2.78 -8.40
C ILE A 53 24.30 1.62 -9.15
N SER A 54 23.58 1.87 -10.25
CA SER A 54 22.95 0.81 -11.02
C SER A 54 22.46 1.39 -12.34
N ASP A 55 22.19 0.49 -13.28
CA ASP A 55 21.39 0.82 -14.44
C ASP A 55 19.97 0.31 -14.22
N VAL A 56 19.03 0.86 -14.98
CA VAL A 56 17.69 0.31 -15.07
C VAL A 56 17.52 -0.23 -16.47
N LEU A 57 17.38 -1.55 -16.60
CA LEU A 57 17.10 -2.13 -17.90
C LEU A 57 15.60 -2.24 -18.11
N LEU A 58 15.18 -2.23 -19.38
CA LEU A 58 13.77 -2.40 -19.70
C LEU A 58 13.18 -3.64 -19.04
N GLU A 59 13.95 -4.74 -19.03
CA GLU A 59 13.46 -5.98 -18.45
C GLU A 59 13.21 -5.85 -16.96
N GLN A 60 13.91 -4.92 -16.29
CA GLN A 60 13.70 -4.73 -14.85
C GLN A 60 12.39 -3.99 -14.58
N VAL A 61 12.07 -2.96 -15.36
CA VAL A 61 10.81 -2.26 -15.11
C VAL A 61 9.61 -3.17 -15.43
N TYR A 62 9.77 -4.07 -16.39
CA TYR A 62 8.75 -5.07 -16.72
C TYR A 62 8.90 -6.35 -15.90
N GLY A 63 9.79 -6.38 -14.91
CA GLY A 63 10.03 -7.56 -14.10
C GLY A 63 10.04 -7.27 -12.62
N GLY A 64 9.15 -6.37 -12.18
CA GLY A 64 9.03 -6.12 -10.75
C GLY A 64 10.22 -5.41 -10.12
N MET A 65 11.01 -4.69 -10.92
CA MET A 65 12.18 -3.95 -10.42
C MET A 65 13.22 -4.86 -9.78
N ARG A 66 13.28 -6.11 -10.22
CA ARG A 66 14.19 -7.07 -9.60
C ARG A 66 15.64 -6.65 -9.81
N GLY A 67 16.38 -6.55 -8.71
CA GLY A 67 17.78 -6.20 -8.74
C GLY A 67 18.07 -4.71 -8.67
N ILE A 68 17.05 -3.87 -8.75
CA ILE A 68 17.22 -2.42 -8.69
C ILE A 68 17.46 -2.00 -7.25
N PRO A 69 18.54 -1.31 -6.92
CA PRO A 69 18.66 -0.72 -5.58
C PRO A 69 17.68 0.43 -5.43
N GLY A 70 16.63 0.22 -4.66
CA GLY A 70 15.53 1.18 -4.64
C GLY A 70 15.08 1.59 -3.26
N SER A 71 15.80 1.18 -2.22
CA SER A 71 15.37 1.42 -0.85
C SER A 71 16.60 1.62 0.03
N VAL A 72 16.48 2.53 1.00
CA VAL A 72 17.41 2.64 2.11
C VAL A 72 16.73 2.02 3.33
N TRP A 73 17.34 0.99 3.89
CA TRP A 73 16.74 0.25 4.99
C TRP A 73 17.86 -0.15 5.94
N GLU A 74 17.83 0.37 7.17
CA GLU A 74 19.01 0.29 8.03
C GLU A 74 19.10 -1.03 8.82
N GLY A 75 17.97 -1.60 9.23
CA GLY A 75 18.02 -2.65 10.24
C GLY A 75 18.58 -3.97 9.75
N SER A 76 18.40 -4.28 8.46
CA SER A 76 18.78 -5.59 7.96
C SER A 76 19.08 -5.49 6.47
N VAL A 77 19.98 -6.36 6.01
CA VAL A 77 20.41 -6.44 4.62
C VAL A 77 20.46 -7.91 4.24
N LEU A 78 19.90 -8.25 3.08
CA LEU A 78 19.80 -9.64 2.64
C LEU A 78 20.87 -9.93 1.60
N ASP A 79 21.72 -10.93 1.89
CA ASP A 79 22.70 -11.40 0.92
C ASP A 79 22.10 -12.56 0.12
N PRO A 80 22.24 -12.57 -1.21
CA PRO A 80 21.64 -13.66 -2.00
C PRO A 80 22.18 -15.03 -1.66
N GLU A 81 23.44 -15.11 -1.24
CA GLU A 81 24.05 -16.40 -0.93
C GLU A 81 23.95 -16.77 0.54
N ASP A 82 24.19 -15.80 1.43
CA ASP A 82 24.26 -16.06 2.87
C ASP A 82 22.96 -15.80 3.61
N GLY A 83 22.03 -15.06 3.02
CA GLY A 83 20.78 -14.78 3.69
C GLY A 83 20.83 -13.51 4.53
N ILE A 84 19.88 -13.42 5.46
CA ILE A 84 19.64 -12.17 6.16
C ILE A 84 20.72 -11.90 7.20
N ARG A 85 21.10 -10.64 7.33
CA ARG A 85 21.90 -10.16 8.44
C ARG A 85 21.15 -9.00 9.10
N PHE A 86 21.07 -9.03 10.43
CA PHE A 86 20.45 -7.95 11.19
C PHE A 86 21.58 -7.14 11.80
N ARG A 87 21.75 -5.90 11.32
CA ARG A 87 22.86 -5.05 11.75
C ARG A 87 24.18 -5.81 11.68
N GLY A 88 24.37 -6.52 10.57
CA GLY A 88 25.59 -7.26 10.32
C GLY A 88 25.66 -8.64 10.94
N ARG A 89 24.67 -9.05 11.72
CA ARG A 89 24.71 -10.32 12.44
C ARG A 89 23.81 -11.35 11.77
N THR A 90 24.32 -12.57 11.62
CA THR A 90 23.47 -13.67 11.17
C THR A 90 22.51 -14.06 12.29
N ILE A 91 21.59 -14.98 11.97
CA ILE A 91 20.68 -15.50 12.98
C ILE A 91 21.47 -16.14 14.11
N ALA A 92 22.49 -16.95 13.78
CA ALA A 92 23.32 -17.57 14.80
C ALA A 92 24.02 -16.51 15.65
N ASP A 93 24.50 -15.44 15.03
CA ASP A 93 25.10 -14.34 15.78
C ASP A 93 24.08 -13.72 16.74
N ILE A 94 22.84 -13.53 16.27
CA ILE A 94 21.79 -12.95 17.10
C ILE A 94 21.52 -13.84 18.31
N GLN A 95 21.49 -15.15 18.10
CA GLN A 95 21.27 -16.07 19.20
C GLN A 95 22.38 -16.00 20.25
N LYS A 96 23.57 -15.56 19.86
CA LYS A 96 24.70 -15.43 20.77
C LYS A 96 24.80 -14.03 21.39
N ASP A 97 24.57 -12.98 20.61
CA ASP A 97 24.85 -11.62 21.05
C ASP A 97 23.71 -10.98 21.82
N LEU A 98 22.45 -11.41 21.58
CA LEU A 98 21.38 -10.67 22.23
C LEU A 98 20.99 -11.35 23.55
N PRO A 99 20.49 -10.58 24.51
CA PRO A 99 20.01 -11.19 25.76
C PRO A 99 18.74 -12.00 25.53
N LYS A 100 18.58 -13.05 26.34
CA LYS A 100 17.48 -13.98 26.23
C LYS A 100 16.59 -13.88 27.48
N ALA A 101 15.40 -14.47 27.37
CA ALA A 101 14.55 -14.58 28.54
C ALA A 101 15.17 -15.53 29.56
N LYS A 102 14.79 -15.33 30.82
CA LYS A 102 15.32 -16.17 31.90
C LYS A 102 14.92 -17.62 31.68
N GLY A 103 15.89 -18.51 31.78
CA GLY A 103 15.66 -19.93 31.57
C GLY A 103 15.50 -20.36 30.13
N SER A 104 15.82 -19.49 29.17
CA SER A 104 15.58 -19.77 27.76
C SER A 104 16.86 -19.57 26.97
N SER A 105 17.02 -20.35 25.91
CA SER A 105 18.11 -20.17 24.96
C SER A 105 17.66 -19.49 23.68
N GLN A 106 16.38 -18.98 23.62
CA GLN A 106 15.94 -18.35 22.39
C GLN A 106 16.02 -16.83 22.49
N PRO A 107 16.30 -16.15 21.38
CA PRO A 107 16.33 -14.68 21.42
C PRO A 107 14.92 -14.12 21.54
N LEU A 108 14.82 -12.91 22.09
CA LEU A 108 13.54 -12.21 22.23
C LEU A 108 13.36 -11.24 21.07
N PRO A 109 12.18 -11.19 20.46
CA PRO A 109 11.97 -10.22 19.37
C PRO A 109 12.14 -8.77 19.79
N GLU A 110 11.79 -8.41 21.03
CA GLU A 110 11.94 -7.03 21.43
C GLU A 110 13.42 -6.65 21.60
N ALA A 111 14.27 -7.63 21.91
CA ALA A 111 15.71 -7.36 21.92
C ALA A 111 16.22 -7.07 20.50
N LEU A 112 15.77 -7.86 19.53
CA LEU A 112 16.12 -7.58 18.14
C LEU A 112 15.58 -6.22 17.70
N PHE A 113 14.36 -5.88 18.15
CA PHE A 113 13.81 -4.57 17.82
C PHE A 113 14.71 -3.44 18.27
N TRP A 114 15.25 -3.54 19.49
CA TRP A 114 16.22 -2.56 19.98
C TRP A 114 17.40 -2.44 19.02
N LEU A 115 17.94 -3.58 18.58
CA LEU A 115 19.08 -3.57 17.67
C LEU A 115 18.70 -2.99 16.30
N LEU A 116 17.50 -3.31 15.79
CA LEU A 116 17.09 -2.79 14.49
C LEU A 116 17.00 -1.28 14.50
N LEU A 117 16.46 -0.70 15.58
CA LEU A 117 16.25 0.74 15.65
C LEU A 117 17.53 1.50 15.96
N THR A 118 18.38 0.98 16.85
CA THR A 118 19.54 1.72 17.32
C THR A 118 20.87 1.26 16.71
N GLY A 119 20.94 0.05 16.17
CA GLY A 119 22.23 -0.51 15.79
C GLY A 119 23.07 -0.98 16.97
N GLU A 120 22.50 -1.03 18.17
CA GLU A 120 23.23 -1.42 19.36
C GLU A 120 22.50 -2.54 20.07
N VAL A 121 23.27 -3.35 20.80
CA VAL A 121 22.74 -4.49 21.55
C VAL A 121 22.26 -4.00 22.92
N PRO A 122 21.00 -4.25 23.29
CA PRO A 122 20.54 -3.83 24.61
C PRO A 122 21.05 -4.75 25.71
N THR A 123 21.15 -4.19 26.91
CA THR A 123 21.42 -5.00 28.08
C THR A 123 20.16 -5.76 28.48
N GLN A 124 20.34 -6.78 29.32
CA GLN A 124 19.21 -7.56 29.81
C GLN A 124 18.18 -6.67 30.49
N ALA A 125 18.63 -5.71 31.30
CA ALA A 125 17.69 -4.83 31.99
C ALA A 125 16.95 -3.93 31.02
N GLN A 126 17.63 -3.48 29.97
CA GLN A 126 16.97 -2.63 28.97
C GLN A 126 15.86 -3.39 28.26
N VAL A 127 16.10 -4.66 27.92
CA VAL A 127 15.08 -5.47 27.25
C VAL A 127 13.87 -5.65 28.16
N GLU A 128 14.12 -5.99 29.43
CA GLU A 128 13.02 -6.17 30.37
C GLU A 128 12.20 -4.89 30.52
N ASN A 129 12.87 -3.74 30.57
CA ASN A 129 12.14 -2.48 30.66
C ASN A 129 11.31 -2.22 29.40
N LEU A 130 11.86 -2.58 28.23
CA LEU A 130 11.12 -2.39 26.99
C LEU A 130 9.89 -3.30 26.94
N SER A 131 10.05 -4.57 27.32
CA SER A 131 8.90 -5.47 27.40
C SER A 131 7.81 -4.89 28.29
N ALA A 132 8.20 -4.36 29.45
CA ALA A 132 7.21 -3.82 30.37
C ALA A 132 6.51 -2.60 29.79
N ASP A 133 7.25 -1.76 29.06
CA ASP A 133 6.63 -0.61 28.42
C ASP A 133 5.64 -1.05 27.36
N LEU A 134 6.01 -2.04 26.54
CA LEU A 134 5.09 -2.56 25.54
C LEU A 134 3.81 -3.09 26.19
N MET A 135 3.94 -3.87 27.26
CA MET A 135 2.75 -4.43 27.91
C MET A 135 1.89 -3.36 28.56
N SER A 136 2.51 -2.27 29.04
CA SER A 136 1.73 -1.18 29.62
C SER A 136 0.84 -0.48 28.61
N ARG A 137 1.12 -0.63 27.32
CA ARG A 137 0.37 0.02 26.26
C ARG A 137 -0.61 -0.92 25.56
N SER A 138 -0.88 -2.08 26.14
CA SER A 138 -1.51 -3.18 25.42
C SER A 138 -3.04 -3.18 25.47
N GLU A 139 -3.67 -2.31 26.25
CA GLU A 139 -5.12 -2.37 26.41
C GLU A 139 -5.83 -1.86 25.16
N LEU A 140 -6.74 -2.68 24.62
CA LEU A 140 -7.46 -2.28 23.41
C LEU A 140 -8.61 -1.34 23.76
N PRO A 141 -8.86 -0.33 22.93
CA PRO A 141 -10.04 0.52 23.12
C PRO A 141 -11.31 -0.27 22.86
N SER A 142 -12.40 0.17 23.51
CA SER A 142 -13.66 -0.58 23.45
C SER A 142 -14.14 -0.75 22.01
N HIS A 143 -13.98 0.27 21.16
CA HIS A 143 -14.51 0.16 19.81
C HIS A 143 -13.78 -0.91 19.01
N VAL A 144 -12.52 -1.20 19.34
CA VAL A 144 -11.78 -2.24 18.65
C VAL A 144 -12.19 -3.62 19.14
N VAL A 145 -12.35 -3.79 20.45
CA VAL A 145 -12.87 -5.05 20.98
C VAL A 145 -14.24 -5.35 20.38
N GLN A 146 -15.11 -4.34 20.35
CA GLN A 146 -16.47 -4.52 19.85
C GLN A 146 -16.47 -4.91 18.37
N LEU A 147 -15.66 -4.22 17.56
CA LEU A 147 -15.63 -4.56 16.14
C LEU A 147 -15.13 -5.98 15.91
N LEU A 148 -14.07 -6.37 16.62
CA LEU A 148 -13.54 -7.72 16.46
C LEU A 148 -14.56 -8.77 16.87
N ASP A 149 -15.24 -8.53 18.00
CA ASP A 149 -16.25 -9.45 18.48
C ASP A 149 -17.38 -9.65 17.48
N ASN A 150 -17.62 -8.65 16.62
CA ASN A 150 -18.74 -8.69 15.69
C ASN A 150 -18.37 -9.09 14.27
N LEU A 151 -17.08 -9.23 13.95
CA LEU A 151 -16.71 -9.65 12.61
C LEU A 151 -17.04 -11.12 12.39
N PRO A 152 -17.42 -11.50 11.17
CA PRO A 152 -17.75 -12.90 10.90
C PRO A 152 -16.55 -13.81 11.06
N LYS A 153 -16.80 -15.02 11.58
CA LYS A 153 -15.73 -15.99 11.76
C LYS A 153 -15.10 -16.40 10.43
N ASP A 154 -15.79 -16.24 9.31
CA ASP A 154 -15.24 -16.62 8.02
C ASP A 154 -14.50 -15.49 7.32
N LEU A 155 -14.40 -14.31 7.94
CA LEU A 155 -13.53 -13.27 7.41
C LEU A 155 -12.10 -13.60 7.80
N HIS A 156 -11.22 -13.71 6.79
CA HIS A 156 -9.88 -14.26 6.99
C HIS A 156 -9.17 -13.51 8.11
N PRO A 157 -8.41 -14.21 8.96
CA PRO A 157 -7.75 -13.53 10.09
C PRO A 157 -6.86 -12.36 9.68
N MET A 158 -6.21 -12.39 8.52
CA MET A 158 -5.38 -11.25 8.11
C MET A 158 -6.21 -10.01 7.85
N ALA A 159 -7.42 -10.20 7.30
CA ALA A 159 -8.31 -9.06 7.09
C ALA A 159 -8.79 -8.49 8.43
N GLN A 160 -9.15 -9.37 9.37
CA GLN A 160 -9.50 -8.90 10.71
C GLN A 160 -8.35 -8.13 11.34
N PHE A 161 -7.12 -8.62 11.15
CA PHE A 161 -5.95 -8.00 11.76
C PHE A 161 -5.74 -6.58 11.22
N SER A 162 -5.73 -6.41 9.90
CA SER A 162 -5.50 -5.07 9.37
C SER A 162 -6.68 -4.14 9.67
N ILE A 163 -7.90 -4.67 9.75
CA ILE A 163 -9.04 -3.85 10.18
C ILE A 163 -8.83 -3.32 11.58
N ALA A 164 -8.42 -4.18 12.51
CA ALA A 164 -8.24 -3.76 13.89
C ALA A 164 -7.14 -2.71 14.01
N VAL A 165 -6.03 -2.91 13.29
CA VAL A 165 -4.93 -1.95 13.31
C VAL A 165 -5.40 -0.59 12.78
N THR A 166 -6.15 -0.60 11.67
CA THR A 166 -6.64 0.64 11.09
C THR A 166 -7.60 1.34 12.04
N ALA A 167 -8.42 0.57 12.77
CA ALA A 167 -9.38 1.19 13.68
C ALA A 167 -8.71 1.91 14.84
N LEU A 168 -7.45 1.62 15.12
CA LEU A 168 -6.70 2.33 16.16
C LEU A 168 -6.24 3.72 15.70
N GLU A 169 -6.50 4.08 14.44
CA GLU A 169 -6.07 5.38 13.94
C GLU A 169 -6.68 6.53 14.74
N SER A 170 -7.85 6.30 15.35
CA SER A 170 -8.47 7.34 16.17
C SER A 170 -7.61 7.71 17.38
N GLU A 171 -6.67 6.84 17.76
CA GLU A 171 -5.78 7.08 18.87
C GLU A 171 -4.45 7.69 18.44
N SER A 172 -4.25 7.95 17.15
CA SER A 172 -2.92 8.27 16.65
C SER A 172 -2.43 9.62 17.16
N LYS A 173 -1.31 9.58 17.89
CA LYS A 173 -0.68 10.80 18.36
C LYS A 173 -0.02 11.57 17.22
N PHE A 174 0.52 10.85 16.23
CA PHE A 174 1.10 11.55 15.09
C PHE A 174 0.04 12.27 14.27
N ALA A 175 -1.08 11.61 14.00
CA ALA A 175 -2.13 12.23 13.21
C ALA A 175 -2.65 13.49 13.90
N LYS A 176 -2.89 13.41 15.21
CA LYS A 176 -3.37 14.57 15.94
C LYS A 176 -2.34 15.69 15.95
N ALA A 177 -1.07 15.36 16.20
CA ALA A 177 -0.03 16.38 16.21
C ALA A 177 0.15 17.03 14.83
N TYR A 178 0.08 16.23 13.76
CA TYR A 178 0.20 16.80 12.43
C TYR A 178 -0.91 17.81 12.16
N ALA A 179 -2.15 17.46 12.52
CA ALA A 179 -3.27 18.38 12.33
C ALA A 179 -3.11 19.64 13.17
N GLN A 180 -2.39 19.56 14.29
CA GLN A 180 -2.13 20.71 15.13
C GLN A 180 -0.97 21.56 14.65
N GLY A 181 -0.19 21.08 13.69
CA GLY A 181 0.84 21.88 13.06
C GLY A 181 2.24 21.74 13.64
N ILE A 182 2.60 20.56 14.16
CA ILE A 182 3.92 20.39 14.75
C ILE A 182 5.01 20.54 13.70
N SER A 183 6.22 20.84 14.18
CA SER A 183 7.37 20.97 13.29
C SER A 183 7.79 19.61 12.74
N LYS A 184 8.25 19.62 11.48
CA LYS A 184 8.77 18.40 10.87
C LYS A 184 9.87 17.78 11.72
N GLN A 185 10.62 18.60 12.46
CA GLN A 185 11.68 18.10 13.31
C GLN A 185 11.18 17.27 14.48
N ASP A 186 9.88 17.36 14.80
CA ASP A 186 9.32 16.64 15.93
C ASP A 186 8.49 15.43 15.52
N TYR A 187 8.34 15.18 14.21
CA TYR A 187 7.54 14.05 13.74
C TYR A 187 7.94 12.74 14.41
N TRP A 188 9.24 12.50 14.55
CA TRP A 188 9.72 11.19 15.00
C TRP A 188 9.20 10.84 16.39
N SER A 189 9.04 11.83 17.26
CA SER A 189 8.63 11.55 18.64
CA SER A 189 8.64 11.54 18.63
C SER A 189 7.23 10.96 18.69
N TYR A 190 6.31 11.54 17.91
CA TYR A 190 4.94 11.02 17.89
C TYR A 190 4.88 9.71 17.11
N THR A 191 5.67 9.58 16.05
CA THR A 191 5.78 8.30 15.35
C THR A 191 6.27 7.21 16.29
N PHE A 192 7.26 7.52 17.12
CA PHE A 192 7.79 6.55 18.08
C PHE A 192 6.72 6.11 19.06
N GLU A 193 5.99 7.07 19.65
CA GLU A 193 4.95 6.72 20.61
C GLU A 193 3.84 5.90 19.97
N ASP A 194 3.39 6.30 18.78
CA ASP A 194 2.39 5.51 18.07
C ASP A 194 2.88 4.09 17.80
N SER A 195 4.16 3.96 17.45
CA SER A 195 4.72 2.65 17.13
C SER A 195 4.72 1.73 18.34
N LEU A 196 5.15 2.23 19.50
CA LEU A 196 5.17 1.39 20.68
C LEU A 196 3.76 1.11 21.18
N ASP A 197 2.87 2.11 21.10
CA ASP A 197 1.45 1.87 21.38
C ASP A 197 0.92 0.75 20.51
N LEU A 198 1.25 0.77 19.22
CA LEU A 198 0.75 -0.23 18.29
C LEU A 198 1.36 -1.60 18.57
N LEU A 199 2.69 -1.66 18.70
CA LEU A 199 3.34 -2.92 19.01
C LEU A 199 2.78 -3.55 20.28
N GLY A 200 2.54 -2.75 21.32
CA GLY A 200 2.02 -3.32 22.56
C GLY A 200 0.67 -3.99 22.39
N LYS A 201 -0.13 -3.52 21.44
CA LYS A 201 -1.47 -4.06 21.23
C LYS A 201 -1.51 -5.26 20.28
N LEU A 202 -0.46 -5.49 19.48
CA LEU A 202 -0.52 -6.56 18.49
C LEU A 202 -0.76 -7.94 19.10
N PRO A 203 -0.07 -8.35 20.18
CA PRO A 203 -0.38 -9.67 20.74
C PRO A 203 -1.81 -9.79 21.21
N VAL A 204 -2.39 -8.70 21.71
CA VAL A 204 -3.75 -8.72 22.19
C VAL A 204 -4.72 -8.84 21.03
N ILE A 205 -4.49 -8.08 19.96
CA ILE A 205 -5.33 -8.17 18.77
C ILE A 205 -5.27 -9.58 18.18
N ALA A 206 -4.05 -10.10 18.03
CA ALA A 206 -3.89 -11.42 17.42
C ALA A 206 -4.56 -12.49 18.26
N ALA A 207 -4.36 -12.45 19.57
CA ALA A 207 -4.99 -13.46 20.42
C ALA A 207 -6.51 -13.31 20.45
N LYS A 208 -7.00 -12.07 20.40
CA LYS A 208 -8.44 -11.86 20.34
C LYS A 208 -9.04 -12.47 19.08
N ILE A 209 -8.37 -12.26 17.94
CA ILE A 209 -8.84 -12.87 16.70
C ILE A 209 -8.86 -14.40 16.84
N TYR A 210 -7.78 -14.97 17.39
CA TYR A 210 -7.71 -16.41 17.56
C TYR A 210 -8.82 -16.93 18.46
N ARG A 211 -9.02 -16.29 19.62
CA ARG A 211 -10.03 -16.75 20.57
C ARG A 211 -11.42 -16.59 20.00
N ASN A 212 -11.68 -15.51 19.26
CA ASN A 212 -13.01 -15.29 18.69
C ASN A 212 -13.30 -16.28 17.57
N VAL A 213 -12.35 -16.46 16.65
CA VAL A 213 -12.62 -17.27 15.47
C VAL A 213 -12.64 -18.75 15.82
N PHE A 214 -11.70 -19.20 16.65
CA PHE A 214 -11.52 -20.63 16.88
C PHE A 214 -11.92 -21.12 18.26
N LYS A 215 -12.05 -20.22 19.24
CA LYS A 215 -12.33 -20.65 20.61
C LYS A 215 -13.61 -20.00 21.13
N ASP A 216 -13.63 -19.64 22.42
CA ASP A 216 -14.84 -19.13 23.06
C ASP A 216 -14.88 -17.61 23.16
N GLY A 217 -13.93 -16.91 22.55
CA GLY A 217 -13.88 -15.47 22.62
C GLY A 217 -13.42 -14.89 23.93
N LYS A 218 -13.17 -15.71 24.95
CA LYS A 218 -12.75 -15.20 26.25
C LYS A 218 -11.26 -14.90 26.26
N MET A 219 -10.90 -13.77 26.87
CA MET A 219 -9.54 -13.26 26.89
C MET A 219 -9.03 -13.18 28.32
N GLY A 220 -7.81 -13.69 28.54
CA GLY A 220 -7.12 -13.48 29.79
C GLY A 220 -6.52 -12.08 29.87
N GLU A 221 -5.78 -11.85 30.95
CA GLU A 221 -5.16 -10.57 31.20
C GLU A 221 -3.68 -10.60 30.85
N VAL A 222 -3.17 -9.47 30.38
CA VAL A 222 -1.76 -9.33 30.08
C VAL A 222 -0.96 -9.31 31.38
N ASP A 223 0.11 -10.10 31.43
CA ASP A 223 1.03 -10.05 32.57
C ASP A 223 2.00 -8.89 32.35
N PRO A 224 2.00 -7.87 33.22
CA PRO A 224 2.86 -6.70 32.97
C PRO A 224 4.33 -7.02 32.91
N ASN A 225 4.75 -8.17 33.43
CA ASN A 225 6.17 -8.52 33.54
C ASN A 225 6.60 -9.60 32.56
N ALA A 226 5.70 -10.09 31.71
CA ALA A 226 6.07 -11.12 30.76
C ALA A 226 6.56 -10.49 29.46
N ASP A 227 7.31 -11.28 28.68
CA ASP A 227 7.81 -10.79 27.42
C ASP A 227 6.72 -10.88 26.34
N TYR A 228 7.04 -10.29 25.19
CA TYR A 228 6.09 -10.11 24.10
C TYR A 228 5.55 -11.45 23.60
N ALA A 229 6.46 -12.37 23.26
CA ALA A 229 6.03 -13.67 22.72
C ALA A 229 5.31 -14.50 23.77
N LYS A 230 5.77 -14.42 25.02
CA LYS A 230 5.12 -15.17 26.09
C LYS A 230 3.70 -14.68 26.31
N ASN A 231 3.49 -13.36 26.30
CA ASN A 231 2.13 -12.83 26.43
C ASN A 231 1.25 -13.26 25.28
N LEU A 232 1.79 -13.29 24.06
CA LEU A 232 1.01 -13.77 22.92
C LEU A 232 0.55 -15.22 23.12
N VAL A 233 1.48 -16.11 23.49
CA VAL A 233 1.14 -17.51 23.66
C VAL A 233 0.17 -17.68 24.83
N ASN A 234 0.41 -16.95 25.94
CA ASN A 234 -0.47 -17.04 27.10
C ASN A 234 -1.88 -16.57 26.76
N LEU A 235 -2.00 -15.49 25.96
CA LEU A 235 -3.32 -14.99 25.63
C LEU A 235 -4.03 -15.92 24.63
N ILE A 236 -3.27 -16.55 23.73
CA ILE A 236 -3.85 -17.60 22.90
C ILE A 236 -4.41 -18.72 23.79
N GLY A 237 -3.76 -18.99 24.92
CA GLY A 237 -4.30 -19.89 25.91
C GLY A 237 -3.32 -20.86 26.52
N SER A 238 -2.06 -20.86 26.09
CA SER A 238 -1.10 -21.91 26.43
C SER A 238 -0.01 -21.41 27.37
N LYS A 239 0.38 -22.29 28.31
CA LYS A 239 1.55 -22.07 29.16
C LYS A 239 2.63 -23.14 28.92
N ASP A 240 2.60 -23.77 27.75
CA ASP A 240 3.65 -24.71 27.35
C ASP A 240 4.95 -23.94 27.11
N GLU A 241 6.00 -24.29 27.86
CA GLU A 241 7.22 -23.49 27.83
C GLU A 241 7.96 -23.63 26.50
N ASP A 242 7.93 -24.81 25.89
CA ASP A 242 8.59 -24.99 24.60
C ASP A 242 7.85 -24.25 23.49
N PHE A 243 6.51 -24.21 23.57
CA PHE A 243 5.72 -23.41 22.64
C PHE A 243 6.09 -21.93 22.76
N VAL A 244 6.23 -21.43 23.98
CA VAL A 244 6.68 -20.05 24.18
C VAL A 244 8.06 -19.85 23.55
N ASP A 245 8.97 -20.80 23.72
CA ASP A 245 10.30 -20.67 23.12
C ASP A 245 10.21 -20.67 21.60
N LEU A 246 9.36 -21.51 21.03
CA LEU A 246 9.16 -21.47 19.58
C LEU A 246 8.70 -20.10 19.13
N MET A 247 7.74 -19.51 19.85
CA MET A 247 7.22 -18.20 19.45
CA MET A 247 7.22 -18.20 19.45
C MET A 247 8.28 -17.11 19.57
N ARG A 248 9.15 -17.21 20.57
CA ARG A 248 10.26 -16.26 20.66
C ARG A 248 11.14 -16.34 19.42
N LEU A 249 11.50 -17.56 19.02
CA LEU A 249 12.30 -17.74 17.80
C LEU A 249 11.55 -17.26 16.58
N TYR A 250 10.28 -17.67 16.45
CA TYR A 250 9.47 -17.31 15.29
C TYR A 250 9.39 -15.79 15.15
N LEU A 251 9.03 -15.10 16.22
CA LEU A 251 8.84 -13.66 16.15
C LEU A 251 10.16 -12.92 15.95
N THR A 252 11.27 -13.52 16.36
CA THR A 252 12.58 -12.92 16.10
C THR A 252 12.96 -13.05 14.62
N ILE A 253 12.91 -14.27 14.08
CA ILE A 253 13.47 -14.49 12.75
C ILE A 253 12.59 -13.94 11.62
N HIS A 254 11.30 -13.71 11.86
CA HIS A 254 10.42 -13.12 10.86
C HIS A 254 10.37 -11.59 10.94
N SER A 255 11.16 -10.96 11.82
CA SER A 255 10.90 -9.56 12.16
C SER A 255 11.34 -8.57 11.09
N ASP A 256 12.26 -8.94 10.21
CA ASP A 256 12.77 -8.00 9.21
C ASP A 256 13.42 -8.82 8.10
N HIS A 257 13.31 -8.34 6.87
CA HIS A 257 13.97 -9.00 5.74
C HIS A 257 14.30 -7.93 4.69
N GLU A 258 15.08 -6.94 5.16
CA GLU A 258 15.46 -5.74 4.40
C GLU A 258 14.26 -4.97 3.87
N GLY A 259 14.50 -4.03 2.96
CA GLY A 259 13.49 -3.03 2.65
C GLY A 259 12.66 -3.29 1.42
N GLY A 260 13.05 -4.27 0.61
CA GLY A 260 12.39 -4.46 -0.66
C GLY A 260 11.31 -5.51 -0.71
N ASN A 261 11.11 -6.26 0.39
CA ASN A 261 10.00 -7.19 0.40
C ASN A 261 8.68 -6.42 0.41
N VAL A 262 7.62 -7.08 -0.04
CA VAL A 262 6.36 -6.38 -0.31
C VAL A 262 5.81 -5.68 0.93
N SER A 263 5.78 -6.37 2.08
CA SER A 263 5.19 -5.78 3.28
C SER A 263 6.01 -4.59 3.78
N ALA A 264 7.33 -4.74 3.88
CA ALA A 264 8.17 -3.62 4.29
C ALA A 264 8.07 -2.45 3.31
N HIS A 265 8.15 -2.75 2.01
CA HIS A 265 8.11 -1.70 0.99
C HIS A 265 6.77 -0.96 1.04
N THR A 266 5.67 -1.71 1.16
CA THR A 266 4.35 -1.09 1.24
C THR A 266 4.26 -0.16 2.44
N SER A 267 4.73 -0.61 3.60
CA SER A 267 4.67 0.24 4.79
C SER A 267 5.51 1.50 4.60
N HIS A 268 6.67 1.39 3.95
CA HIS A 268 7.50 2.55 3.70
C HIS A 268 6.80 3.53 2.76
N LEU A 269 6.20 3.01 1.70
CA LEU A 269 5.52 3.84 0.71
C LEU A 269 4.39 4.64 1.34
N VAL A 270 3.50 3.95 2.06
CA VAL A 270 2.38 4.62 2.71
C VAL A 270 2.88 5.59 3.78
N GLY A 271 3.87 5.18 4.57
CA GLY A 271 4.40 6.06 5.58
C GLY A 271 5.08 7.29 5.00
N SER A 272 5.62 7.19 3.79
CA SER A 272 6.35 8.30 3.20
C SER A 272 5.45 9.47 2.84
N ALA A 273 4.15 9.23 2.71
CA ALA A 273 3.18 10.29 2.53
C ALA A 273 2.64 10.82 3.85
N LEU A 274 3.23 10.37 4.96
CA LEU A 274 2.92 10.80 6.33
C LEU A 274 1.64 10.20 6.89
N SER A 275 1.17 9.10 6.32
CA SER A 275 0.19 8.30 7.04
C SER A 275 0.84 7.75 8.31
N SER A 276 0.03 7.58 9.35
CA SER A 276 0.52 7.21 10.67
C SER A 276 1.04 5.77 10.70
N PRO A 277 1.71 5.37 11.78
CA PRO A 277 2.12 3.96 11.90
C PRO A 277 0.96 2.99 11.78
N TYR A 278 -0.25 3.38 12.19
CA TYR A 278 -1.39 2.47 12.08
C TYR A 278 -1.73 2.18 10.63
N LEU A 279 -1.86 3.22 9.81
CA LEU A 279 -2.17 3.01 8.40
C LEU A 279 -1.01 2.39 7.64
N SER A 280 0.22 2.75 8.00
CA SER A 280 1.39 2.14 7.35
C SER A 280 1.47 0.65 7.64
N LEU A 281 1.29 0.26 8.90
CA LEU A 281 1.34 -1.17 9.22
C LEU A 281 0.17 -1.92 8.60
N ALA A 282 -1.05 -1.36 8.67
CA ALA A 282 -2.20 -2.04 8.09
C ALA A 282 -1.97 -2.31 6.60
N SER A 283 -1.41 -1.34 5.89
CA SER A 283 -1.10 -1.54 4.48
C SER A 283 -0.03 -2.62 4.29
N GLY A 284 1.03 -2.59 5.10
CA GLY A 284 2.03 -3.64 5.03
C GLY A 284 1.45 -5.01 5.27
N LEU A 285 0.54 -5.12 6.24
CA LEU A 285 -0.13 -6.39 6.50
C LEU A 285 -0.91 -6.88 5.29
N ASN A 286 -1.56 -5.98 4.58
CA ASN A 286 -2.31 -6.39 3.39
C ASN A 286 -1.38 -6.96 2.31
N GLY A 287 -0.16 -6.43 2.21
CA GLY A 287 0.82 -7.04 1.31
C GLY A 287 1.30 -8.38 1.82
N LEU A 288 1.54 -8.47 3.13
CA LEU A 288 1.94 -9.74 3.73
C LEU A 288 0.88 -10.81 3.52
N ALA A 289 -0.38 -10.42 3.41
CA ALA A 289 -1.48 -11.36 3.21
C ALA A 289 -1.52 -11.98 1.82
N GLY A 290 -0.67 -11.55 0.89
CA GLY A 290 -0.66 -12.13 -0.43
C GLY A 290 -0.03 -13.51 -0.42
N PRO A 291 -0.60 -14.43 -1.19
CA PRO A 291 -0.07 -15.81 -1.18
C PRO A 291 1.35 -15.95 -1.74
N LEU A 292 1.85 -14.97 -2.49
CA LEU A 292 3.25 -15.01 -2.90
C LEU A 292 4.18 -14.40 -1.85
N HIS A 293 3.61 -13.83 -0.79
CA HIS A 293 4.37 -13.19 0.28
C HIS A 293 4.10 -14.01 1.55
N GLY A 294 3.66 -13.37 2.64
CA GLY A 294 3.58 -14.07 3.92
C GLY A 294 2.53 -15.17 3.96
N ARG A 295 1.47 -15.04 3.17
CA ARG A 295 0.43 -16.07 3.17
C ARG A 295 0.94 -17.39 2.60
N ALA A 296 2.14 -17.39 2.01
CA ALA A 296 2.74 -18.66 1.61
C ALA A 296 2.88 -19.61 2.78
N ASN A 297 2.99 -19.10 4.02
CA ASN A 297 3.09 -20.03 5.15
C ASN A 297 1.80 -20.80 5.39
N GLN A 298 0.64 -20.19 5.13
CA GLN A 298 -0.61 -20.94 5.11
C GLN A 298 -0.69 -21.85 3.88
N GLU A 299 -0.26 -21.34 2.72
CA GLU A 299 -0.28 -22.14 1.50
C GLU A 299 0.55 -23.41 1.64
N VAL A 300 1.70 -23.32 2.30
CA VAL A 300 2.56 -24.49 2.50
C VAL A 300 1.82 -25.55 3.31
N LEU A 301 1.24 -25.16 4.44
CA LEU A 301 0.56 -26.14 5.29
C LEU A 301 -0.58 -26.81 4.53
N GLU A 302 -1.38 -26.04 3.80
CA GLU A 302 -2.49 -26.61 3.06
C GLU A 302 -2.00 -27.52 1.94
N TRP A 303 -0.87 -27.19 1.33
CA TRP A 303 -0.29 -28.02 0.28
C TRP A 303 0.25 -29.32 0.86
N LEU A 304 0.93 -29.26 2.01
CA LEU A 304 1.39 -30.46 2.69
C LEU A 304 0.22 -31.38 3.04
N PHE A 305 -0.87 -30.82 3.56
CA PHE A 305 -2.01 -31.64 3.94
C PHE A 305 -2.71 -32.24 2.72
N ALA A 306 -2.75 -31.51 1.60
CA ALA A 306 -3.34 -32.07 0.40
C ALA A 306 -2.49 -33.20 -0.17
N LEU A 307 -1.16 -33.06 -0.09
CA LEU A 307 -0.28 -34.15 -0.50
C LEU A 307 -0.48 -35.37 0.38
N LYS A 308 -0.56 -35.16 1.70
CA LYS A 308 -0.76 -36.27 2.63
C LYS A 308 -2.06 -37.00 2.34
N GLU A 309 -3.14 -36.26 2.08
CA GLU A 309 -4.42 -36.88 1.79
C GLU A 309 -4.37 -37.68 0.50
N GLU A 310 -3.69 -37.16 -0.52
CA GLU A 310 -3.60 -37.85 -1.80
C GLU A 310 -2.58 -38.98 -1.75
N SER A 316 7.09 -41.64 -0.66
CA SER A 316 8.31 -42.01 -1.38
C SER A 316 8.75 -40.86 -2.29
N LYS A 317 9.98 -40.97 -2.82
CA LYS A 317 10.49 -39.93 -3.71
C LYS A 317 9.63 -39.83 -4.97
N ASP A 318 9.12 -40.96 -5.47
CA ASP A 318 8.32 -40.94 -6.69
C ASP A 318 6.97 -40.27 -6.47
N THR A 319 6.30 -40.56 -5.35
CA THR A 319 5.00 -39.95 -5.09
C THR A 319 5.15 -38.45 -4.83
N ILE A 320 6.18 -38.06 -4.08
CA ILE A 320 6.42 -36.64 -3.83
C ILE A 320 6.75 -35.92 -5.13
N GLU A 321 7.64 -36.51 -5.95
CA GLU A 321 8.00 -35.89 -7.22
C GLU A 321 6.80 -35.77 -8.14
N LYS A 322 5.92 -36.76 -8.14
CA LYS A 322 4.70 -36.69 -8.95
C LYS A 322 3.79 -35.58 -8.47
N TYR A 323 3.70 -35.38 -7.15
CA TYR A 323 2.84 -34.32 -6.62
C TYR A 323 3.41 -32.95 -6.96
N LEU A 324 4.73 -32.80 -6.91
CA LEU A 324 5.36 -31.55 -7.31
C LEU A 324 5.08 -31.25 -8.78
N TRP A 325 5.25 -32.24 -9.65
CA TRP A 325 5.00 -32.01 -11.07
C TRP A 325 3.52 -31.73 -11.33
N ASP A 326 2.62 -32.39 -10.61
CA ASP A 326 1.19 -32.13 -10.80
C ASP A 326 0.85 -30.71 -10.39
N THR A 327 1.52 -30.20 -9.35
CA THR A 327 1.30 -28.81 -8.96
C THR A 327 1.78 -27.85 -10.04
N LEU A 328 3.00 -28.06 -10.53
CA LEU A 328 3.55 -27.18 -11.57
C LEU A 328 2.75 -27.28 -12.86
N ASN A 329 2.37 -28.49 -13.27
CA ASN A 329 1.62 -28.64 -14.50
C ASN A 329 0.22 -28.04 -14.43
N SER A 330 -0.29 -27.80 -13.22
CA SER A 330 -1.57 -27.13 -13.02
C SER A 330 -1.46 -25.61 -13.06
N GLY A 331 -0.29 -25.08 -13.40
CA GLY A 331 -0.11 -23.64 -13.44
C GLY A 331 -0.05 -22.98 -12.09
N ARG A 332 0.49 -23.69 -11.09
CA ARG A 332 0.56 -23.22 -9.72
C ARG A 332 2.02 -23.27 -9.25
N VAL A 333 2.32 -22.48 -8.22
CA VAL A 333 3.66 -22.47 -7.66
C VAL A 333 3.78 -23.56 -6.60
N ILE A 334 5.01 -24.00 -6.37
CA ILE A 334 5.32 -24.79 -5.18
C ILE A 334 5.47 -23.82 -4.02
N PRO A 335 4.55 -23.81 -3.06
CA PRO A 335 4.63 -22.83 -1.97
C PRO A 335 5.85 -23.09 -1.09
N GLY A 336 6.45 -22.02 -0.60
CA GLY A 336 7.59 -22.14 0.29
C GLY A 336 8.91 -22.37 -0.39
N TYR A 337 8.97 -22.30 -1.71
CA TYR A 337 10.20 -22.42 -2.47
C TYR A 337 10.36 -21.22 -3.39
N GLY A 338 11.61 -20.86 -3.64
CA GLY A 338 11.92 -19.70 -4.46
C GLY A 338 12.03 -18.44 -3.62
N HIS A 339 12.60 -17.41 -4.23
CA HIS A 339 12.76 -16.13 -3.54
C HIS A 339 13.16 -15.08 -4.56
N ALA A 340 12.76 -13.82 -4.29
CA ALA A 340 13.13 -12.73 -5.18
C ALA A 340 14.63 -12.45 -5.13
N VAL A 341 15.28 -12.68 -3.99
CA VAL A 341 16.67 -12.31 -3.77
C VAL A 341 17.54 -13.53 -3.43
N LEU A 342 17.09 -14.34 -2.48
CA LEU A 342 17.88 -15.51 -2.08
C LEU A 342 18.10 -16.44 -3.27
N ARG A 343 19.28 -17.03 -3.32
CA ARG A 343 19.61 -17.99 -4.35
C ARG A 343 20.08 -19.32 -3.77
N LYS A 344 20.10 -19.44 -2.45
CA LYS A 344 20.42 -20.66 -1.74
C LYS A 344 19.38 -20.84 -0.63
N THR A 345 19.46 -21.96 0.07
CA THR A 345 18.52 -22.25 1.15
C THR A 345 18.54 -21.13 2.19
N ASP A 346 17.34 -20.67 2.56
CA ASP A 346 17.17 -19.56 3.48
C ASP A 346 17.68 -19.95 4.87
N PRO A 347 18.52 -19.13 5.50
CA PRO A 347 18.94 -19.45 6.89
C PRO A 347 17.80 -19.45 7.88
N ARG A 348 16.69 -18.77 7.58
CA ARG A 348 15.51 -18.87 8.44
C ARG A 348 14.87 -20.26 8.35
N TYR A 349 14.97 -20.89 7.17
CA TYR A 349 14.56 -22.29 7.05
C TYR A 349 15.43 -23.19 7.93
N MET A 350 16.74 -22.97 7.90
CA MET A 350 17.66 -23.81 8.65
C MET A 350 17.49 -23.62 10.15
N ALA A 351 17.21 -22.38 10.59
CA ALA A 351 16.98 -22.13 12.01
C ALA A 351 15.76 -22.89 12.51
N GLN A 352 14.74 -23.03 11.67
CA GLN A 352 13.54 -23.75 12.04
C GLN A 352 13.76 -25.26 12.02
N ARG A 353 14.47 -25.76 11.01
CA ARG A 353 14.91 -27.16 11.02
C ARG A 353 15.69 -27.48 12.28
N LYS A 354 16.59 -26.57 12.70
CA LYS A 354 17.36 -26.80 13.91
C LYS A 354 16.45 -26.91 15.13
N PHE A 355 15.46 -26.03 15.24
CA PHE A 355 14.53 -26.12 16.37
C PHE A 355 13.84 -27.47 16.40
N ALA A 356 13.41 -27.96 15.24
CA ALA A 356 12.73 -29.25 15.19
C ALA A 356 13.68 -30.38 15.55
N MET A 357 14.94 -30.27 15.11
CA MET A 357 15.92 -31.31 15.45
C MET A 357 16.19 -31.35 16.94
N ASP A 358 16.15 -30.20 17.62
CA ASP A 358 16.41 -30.12 19.05
C ASP A 358 15.19 -30.45 19.91
N HIS A 359 14.00 -30.54 19.32
CA HIS A 359 12.79 -30.68 20.14
C HIS A 359 11.92 -31.87 19.74
N PHE A 360 11.87 -32.19 18.44
CA PHE A 360 11.00 -33.27 17.99
C PHE A 360 11.43 -33.85 16.65
N PRO A 361 12.62 -34.46 16.57
CA PRO A 361 13.11 -34.95 15.27
C PRO A 361 12.27 -36.07 14.65
N ASP A 362 11.43 -36.74 15.41
CA ASP A 362 10.62 -37.85 14.89
C ASP A 362 9.21 -37.43 14.49
N TYR A 363 8.89 -36.14 14.59
CA TYR A 363 7.56 -35.67 14.25
C TYR A 363 7.27 -35.88 12.77
N GLU A 364 6.14 -36.54 12.49
CA GLU A 364 5.84 -36.98 11.12
C GLU A 364 5.80 -35.82 10.13
N LEU A 365 5.19 -34.70 10.52
CA LEU A 365 5.09 -33.58 9.59
C LEU A 365 6.45 -32.95 9.32
N PHE A 366 7.34 -33.00 10.31
CA PHE A 366 8.72 -32.55 10.11
C PHE A 366 9.44 -33.45 9.12
N LYS A 367 9.27 -34.78 9.25
CA LYS A 367 9.91 -35.69 8.31
C LYS A 367 9.40 -35.49 6.89
N LEU A 368 8.12 -35.14 6.73
CA LEU A 368 7.60 -34.87 5.39
C LEU A 368 8.24 -33.63 4.78
N VAL A 369 8.34 -32.54 5.56
CA VAL A 369 9.01 -31.34 5.08
C VAL A 369 10.46 -31.65 4.69
N SER A 370 11.14 -32.45 5.50
CA SER A 370 12.52 -32.83 5.19
C SER A 370 12.59 -33.69 3.93
N SER A 371 11.64 -34.61 3.76
CA SER A 371 11.63 -35.45 2.57
C SER A 371 11.39 -34.63 1.30
N ILE A 372 10.58 -33.56 1.40
CA ILE A 372 10.33 -32.73 0.23
C ILE A 372 11.57 -31.93 -0.13
N TYR A 373 12.33 -31.49 0.89
CA TYR A 373 13.58 -30.79 0.65
C TYR A 373 14.54 -31.61 -0.20
N GLU A 374 14.50 -32.93 -0.09
CA GLU A 374 15.39 -33.77 -0.87
C GLU A 374 14.98 -33.89 -2.34
N VAL A 375 13.73 -33.55 -2.67
CA VAL A 375 13.18 -33.77 -4.01
C VAL A 375 12.83 -32.48 -4.72
N ALA A 376 12.28 -31.50 -4.00
CA ALA A 376 11.77 -30.29 -4.64
C ALA A 376 12.82 -29.49 -5.40
N PRO A 377 14.02 -29.24 -4.86
CA PRO A 377 15.00 -28.45 -5.64
C PRO A 377 15.33 -29.07 -6.99
N GLY A 378 15.45 -30.39 -7.07
CA GLY A 378 15.71 -31.02 -8.36
C GLY A 378 14.56 -30.85 -9.34
N VAL A 379 13.32 -31.00 -8.86
CA VAL A 379 12.17 -30.84 -9.73
C VAL A 379 12.08 -29.40 -10.24
N LEU A 380 12.26 -28.44 -9.33
CA LEU A 380 12.22 -27.04 -9.74
C LEU A 380 13.34 -26.70 -10.71
N THR A 381 14.51 -27.32 -10.55
CA THR A 381 15.60 -27.10 -11.50
C THR A 381 15.26 -27.66 -12.87
N GLU A 382 14.74 -28.88 -12.92
CA GLU A 382 14.33 -29.46 -14.20
C GLU A 382 13.19 -28.65 -14.83
N HIS A 383 12.25 -28.17 -14.00
CA HIS A 383 11.17 -27.32 -14.47
C HIS A 383 11.73 -26.09 -15.19
N GLY A 384 12.83 -25.53 -14.68
CA GLY A 384 13.61 -24.56 -15.41
C GLY A 384 13.14 -23.13 -15.37
N LYS A 385 12.18 -22.79 -14.51
CA LYS A 385 11.66 -21.42 -14.45
C LYS A 385 12.22 -20.62 -13.28
N THR A 386 12.20 -21.18 -12.08
CA THR A 386 12.62 -20.41 -10.91
C THR A 386 14.12 -20.14 -10.95
N LYS A 387 14.51 -18.97 -10.46
CA LYS A 387 15.92 -18.64 -10.29
C LYS A 387 16.48 -19.16 -8.97
N ASN A 388 15.62 -19.70 -8.11
CA ASN A 388 16.02 -20.23 -6.81
C ASN A 388 15.18 -21.46 -6.53
N PRO A 389 15.76 -22.66 -6.66
CA PRO A 389 15.01 -23.89 -6.39
C PRO A 389 14.98 -24.31 -4.93
N TRP A 390 15.43 -23.46 -4.02
CA TRP A 390 15.61 -23.78 -2.62
C TRP A 390 14.49 -23.21 -1.77
N PRO A 391 14.25 -23.77 -0.59
CA PRO A 391 13.12 -23.33 0.23
C PRO A 391 13.39 -22.01 0.93
N ASN A 392 12.30 -21.31 1.25
CA ASN A 392 12.32 -20.10 2.04
C ASN A 392 11.70 -20.37 3.40
N VAL A 393 11.63 -19.33 4.23
CA VAL A 393 11.16 -19.44 5.61
C VAL A 393 9.78 -20.09 5.69
N ASP A 394 8.91 -19.84 4.71
CA ASP A 394 7.54 -20.32 4.79
C ASP A 394 7.43 -21.84 4.61
N ALA A 395 8.46 -22.48 4.07
CA ALA A 395 8.40 -23.93 3.90
C ALA A 395 8.43 -24.66 5.23
N HIS A 396 8.97 -24.06 6.29
CA HIS A 396 9.28 -24.76 7.53
C HIS A 396 8.61 -24.18 8.76
N SER A 397 7.87 -23.08 8.65
CA SER A 397 7.35 -22.44 9.85
C SER A 397 6.07 -23.12 10.34
N GLY A 398 5.15 -23.42 9.44
CA GLY A 398 3.87 -23.97 9.86
C GLY A 398 3.98 -25.30 10.56
N VAL A 399 4.96 -26.13 10.15
CA VAL A 399 5.09 -27.46 10.74
C VAL A 399 5.44 -27.36 12.22
N LEU A 400 6.24 -26.36 12.60
CA LEU A 400 6.58 -26.18 14.00
C LEU A 400 5.37 -25.78 14.81
N LEU A 401 4.53 -24.89 14.27
CA LEU A 401 3.32 -24.49 14.96
C LEU A 401 2.36 -25.67 15.11
N GLN A 402 2.28 -26.52 14.08
CA GLN A 402 1.44 -27.72 14.16
C GLN A 402 1.85 -28.62 15.31
N TYR A 403 3.15 -28.73 15.57
CA TYR A 403 3.62 -29.63 16.63
C TYR A 403 3.00 -29.26 17.97
N TYR A 404 2.88 -27.98 18.25
CA TYR A 404 2.39 -27.49 19.53
C TYR A 404 0.87 -27.34 19.58
N GLY A 405 0.17 -27.77 18.53
CA GLY A 405 -1.28 -27.74 18.52
C GLY A 405 -1.89 -26.49 17.95
N LEU A 406 -1.09 -25.57 17.41
CA LEU A 406 -1.64 -24.42 16.70
C LEU A 406 -1.90 -24.87 15.27
N LYS A 407 -3.06 -25.50 15.07
CA LYS A 407 -3.36 -26.23 13.86
C LYS A 407 -4.07 -25.38 12.81
N GLU A 408 -4.50 -24.18 13.18
CA GLU A 408 -5.32 -23.34 12.30
C GLU A 408 -4.40 -22.51 11.40
N SER A 409 -4.13 -23.05 10.20
CA SER A 409 -3.14 -22.41 9.33
C SER A 409 -3.59 -21.04 8.82
N SER A 410 -4.89 -20.75 8.80
CA SER A 410 -5.37 -19.42 8.43
C SER A 410 -4.95 -18.34 9.42
N PHE A 411 -4.36 -18.71 10.54
CA PHE A 411 -3.83 -17.78 11.53
C PHE A 411 -2.34 -17.54 11.36
N TYR A 412 -1.65 -18.32 10.54
CA TYR A 412 -0.19 -18.32 10.54
C TYR A 412 0.38 -17.00 10.04
N THR A 413 -0.30 -16.33 9.11
CA THR A 413 0.25 -15.07 8.62
C THR A 413 0.01 -13.94 9.60
N VAL A 414 -1.00 -14.06 10.47
CA VAL A 414 -1.14 -13.09 11.56
C VAL A 414 0.10 -13.11 12.44
N LEU A 415 0.61 -14.30 12.75
CA LEU A 415 1.84 -14.40 13.55
C LEU A 415 3.01 -13.75 12.82
N PHE A 416 3.14 -14.02 11.52
CA PHE A 416 4.14 -13.34 10.71
C PHE A 416 3.98 -11.81 10.84
N GLY A 417 2.75 -11.32 10.78
CA GLY A 417 2.52 -9.88 10.88
C GLY A 417 2.89 -9.30 12.23
N VAL A 418 2.61 -10.04 13.31
CA VAL A 418 3.00 -9.61 14.65
C VAL A 418 4.52 -9.43 14.73
N SER A 419 5.26 -10.30 14.04
CA SER A 419 6.72 -10.21 14.01
C SER A 419 7.20 -9.08 13.11
N ARG A 420 6.72 -9.05 11.86
CA ARG A 420 7.24 -8.12 10.86
C ARG A 420 6.94 -6.67 11.23
N ALA A 421 5.96 -6.43 12.10
CA ALA A 421 5.72 -5.07 12.57
C ALA A 421 6.94 -4.47 13.24
N PHE A 422 7.76 -5.29 13.91
CA PHE A 422 8.97 -4.77 14.54
C PHE A 422 9.89 -4.12 13.51
N GLY A 423 10.20 -4.83 12.43
CA GLY A 423 11.10 -4.27 11.43
C GLY A 423 10.46 -3.11 10.68
N ILE A 424 9.17 -3.23 10.38
CA ILE A 424 8.44 -2.16 9.71
C ILE A 424 8.49 -0.87 10.51
N LEU A 425 8.21 -0.97 11.81
CA LEU A 425 8.12 0.24 12.62
C LEU A 425 9.49 0.82 12.94
N ALA A 426 10.53 -0.02 13.08
CA ALA A 426 11.87 0.52 13.27
C ALA A 426 12.25 1.45 12.14
N GLN A 427 12.04 1.03 10.88
CA GLN A 427 12.41 1.89 9.77
C GLN A 427 11.51 3.12 9.66
N LEU A 428 10.22 2.97 10.00
CA LEU A 428 9.32 4.12 9.93
C LEU A 428 9.76 5.21 10.91
N ILE A 429 10.13 4.83 12.13
CA ILE A 429 10.66 5.79 13.09
C ILE A 429 11.93 6.45 12.55
N THR A 430 12.85 5.63 12.00
CA THR A 430 14.07 6.16 11.43
C THR A 430 13.78 7.13 10.28
N ASP A 431 12.84 6.76 9.40
CA ASP A 431 12.50 7.61 8.27
C ASP A 431 11.98 8.97 8.73
N ARG A 432 11.15 8.98 9.77
CA ARG A 432 10.60 10.25 10.23
C ARG A 432 11.66 11.06 10.97
N ALA A 433 12.60 10.40 11.64
CA ALA A 433 13.66 11.12 12.34
C ALA A 433 14.60 11.83 11.37
N ILE A 434 14.81 11.28 10.17
CA ILE A 434 15.69 11.92 9.20
C ILE A 434 14.95 12.72 8.14
N GLY A 435 13.62 12.67 8.11
CA GLY A 435 12.87 13.39 7.10
C GLY A 435 12.96 12.77 5.72
N ALA A 436 12.85 11.45 5.64
CA ALA A 436 12.97 10.76 4.36
C ALA A 436 11.89 11.20 3.39
N SER A 437 12.21 11.14 2.11
CA SER A 437 11.36 11.67 1.04
C SER A 437 10.17 10.76 0.77
N ILE A 438 9.15 11.34 0.13
CA ILE A 438 8.09 10.54 -0.47
C ILE A 438 8.68 9.63 -1.53
N GLU A 439 8.29 8.37 -1.51
CA GLU A 439 8.70 7.47 -2.59
C GLU A 439 7.76 7.64 -3.77
N ARG A 440 8.32 8.05 -4.92
CA ARG A 440 7.51 8.38 -6.09
C ARG A 440 8.34 8.27 -7.36
N PRO A 441 8.42 7.09 -7.96
CA PRO A 441 9.10 6.94 -9.25
C PRO A 441 8.19 7.39 -10.38
N LYS A 442 8.64 7.21 -11.62
CA LYS A 442 7.89 7.60 -12.81
C LYS A 442 7.31 6.37 -13.49
N SER A 443 6.12 6.50 -14.04
CA SER A 443 5.52 5.46 -14.86
C SER A 443 5.40 5.91 -16.31
N TYR A 444 5.35 4.92 -17.19
CA TYR A 444 4.99 5.12 -18.60
C TYR A 444 4.10 3.97 -19.01
N SER A 445 3.37 4.18 -20.11
CA SER A 445 2.65 3.10 -20.76
C SER A 445 3.61 2.31 -21.64
N THR A 446 3.17 1.11 -22.07
CA THR A 446 3.98 0.34 -23.00
C THR A 446 4.24 1.11 -24.29
N GLU A 447 3.22 1.79 -24.81
CA GLU A 447 3.41 2.63 -26.01
C GLU A 447 4.52 3.66 -25.80
N LYS A 448 4.56 4.28 -24.61
CA LYS A 448 5.59 5.27 -24.37
C LYS A 448 6.96 4.65 -24.09
N TYR A 449 7.00 3.48 -23.43
CA TYR A 449 8.28 2.79 -23.28
C TYR A 449 8.87 2.42 -24.63
N LYS A 450 8.02 2.02 -25.59
CA LYS A 450 8.52 1.73 -26.93
C LYS A 450 9.16 2.95 -27.56
N GLU A 451 8.53 4.12 -27.42
CA GLU A 451 9.10 5.36 -27.94
C GLU A 451 10.41 5.70 -27.24
N LEU A 452 10.45 5.56 -25.90
N LEU A 452 10.45 5.54 -25.92
CA LEU A 452 11.69 5.81 -25.17
CA LEU A 452 11.67 5.80 -25.16
C LEU A 452 12.81 4.90 -25.66
C LEU A 452 12.81 4.89 -25.62
N VAL A 453 12.52 3.60 -25.79
CA VAL A 453 13.55 2.64 -26.19
C VAL A 453 14.04 2.93 -27.61
N LYS A 454 13.11 3.25 -28.52
CA LYS A 454 13.49 3.53 -29.90
C LYS A 454 14.45 4.72 -29.98
N ASN A 455 14.19 5.76 -29.20
CA ASN A 455 15.08 6.92 -29.20
C ASN A 455 16.43 6.58 -28.58
N ILE A 456 16.44 5.79 -27.51
CA ILE A 456 17.70 5.39 -26.88
C ILE A 456 18.55 4.58 -27.86
N GLU A 457 17.92 3.62 -28.55
CA GLU A 457 18.67 2.76 -29.45
C GLU A 457 19.08 3.44 -30.74
N SER A 458 18.45 4.57 -31.09
CA SER A 458 18.86 5.32 -32.26
C SER A 458 20.14 6.10 -31.99
N LYS A 459 20.38 6.48 -30.74
CA LYS A 459 21.59 7.21 -30.37
C LYS A 459 22.75 6.25 -30.10
N GLU B 23 -24.63 -6.18 -27.70
CA GLU B 23 -23.26 -5.72 -27.81
C GLU B 23 -22.38 -6.39 -26.75
N LYS B 24 -21.08 -6.44 -27.01
CA LYS B 24 -20.15 -7.07 -26.08
C LYS B 24 -20.18 -6.36 -24.73
N THR B 25 -20.01 -7.15 -23.67
CA THR B 25 -19.81 -6.62 -22.34
C THR B 25 -18.35 -6.21 -22.16
N LEU B 26 -18.07 -5.52 -21.06
CA LEU B 26 -16.69 -5.12 -20.78
C LEU B 26 -15.78 -6.34 -20.65
N LYS B 27 -16.25 -7.37 -19.93
CA LYS B 27 -15.41 -8.56 -19.75
C LYS B 27 -15.16 -9.26 -21.08
N GLU B 28 -16.20 -9.34 -21.93
CA GLU B 28 -16.04 -9.98 -23.23
C GLU B 28 -15.03 -9.24 -24.10
N ARG B 29 -15.15 -7.93 -24.19
CA ARG B 29 -14.19 -7.18 -25.01
C ARG B 29 -12.78 -7.26 -24.42
N PHE B 30 -12.66 -7.14 -23.09
CA PHE B 30 -11.34 -7.24 -22.49
C PHE B 30 -10.70 -8.59 -22.77
N SER B 31 -11.50 -9.67 -22.76
CA SER B 31 -10.96 -10.99 -23.01
C SER B 31 -10.39 -11.13 -24.41
N GLU B 32 -10.83 -10.29 -25.35
CA GLU B 32 -10.28 -10.29 -26.70
C GLU B 32 -9.04 -9.42 -26.84
N ILE B 33 -8.94 -8.38 -26.02
CA ILE B 33 -7.86 -7.40 -26.13
C ILE B 33 -6.63 -7.81 -25.33
N TYR B 34 -6.82 -8.34 -24.11
CA TYR B 34 -5.66 -8.63 -23.27
C TYR B 34 -4.65 -9.59 -23.88
N PRO B 35 -5.03 -10.65 -24.60
CA PRO B 35 -3.99 -11.52 -25.17
C PRO B 35 -3.12 -10.81 -26.18
N ILE B 36 -3.68 -9.84 -26.90
CA ILE B 36 -2.89 -9.05 -27.85
C ILE B 36 -1.86 -8.21 -27.11
N HIS B 37 -2.28 -7.55 -26.02
CA HIS B 37 -1.36 -6.77 -25.21
C HIS B 37 -0.30 -7.64 -24.57
N ALA B 38 -0.69 -8.82 -24.07
CA ALA B 38 0.26 -9.71 -23.44
C ALA B 38 1.35 -10.15 -24.41
N GLN B 39 0.94 -10.56 -25.63
CA GLN B 39 1.93 -10.95 -26.63
C GLN B 39 2.83 -9.77 -27.01
N ASP B 40 2.23 -8.57 -27.15
CA ASP B 40 3.01 -7.39 -27.49
C ASP B 40 4.07 -7.11 -26.42
N VAL B 41 3.69 -7.21 -25.15
CA VAL B 41 4.64 -6.98 -24.06
C VAL B 41 5.73 -8.05 -24.08
N ARG B 42 5.36 -9.32 -24.24
CA ARG B 42 6.36 -10.37 -24.28
C ARG B 42 7.36 -10.15 -25.40
N GLN B 43 6.88 -9.77 -26.59
CA GLN B 43 7.78 -9.54 -27.72
C GLN B 43 8.66 -8.32 -27.51
N PHE B 44 8.10 -7.27 -26.90
CA PHE B 44 8.85 -6.04 -26.64
C PHE B 44 10.00 -6.30 -25.67
N VAL B 45 9.73 -7.02 -24.58
CA VAL B 45 10.78 -7.32 -23.61
C VAL B 45 11.79 -8.30 -24.18
N LYS B 46 11.33 -9.24 -25.01
CA LYS B 46 12.26 -10.19 -25.63
C LYS B 46 13.25 -9.47 -26.53
N GLU B 47 12.77 -8.52 -27.33
CA GLU B 47 13.62 -7.85 -28.31
C GLU B 47 14.46 -6.73 -27.69
N HIS B 48 13.98 -6.09 -26.62
CA HIS B 48 14.59 -4.87 -26.13
C HIS B 48 14.88 -4.88 -24.63
N GLY B 49 14.69 -6.03 -23.96
CA GLY B 49 14.78 -6.06 -22.51
C GLY B 49 16.12 -5.64 -21.95
N LYS B 50 17.20 -5.81 -22.71
CA LYS B 50 18.53 -5.47 -22.23
C LYS B 50 18.88 -4.00 -22.43
N THR B 51 18.01 -3.23 -23.06
CA THR B 51 18.29 -1.81 -23.29
C THR B 51 18.22 -1.04 -21.98
N LYS B 52 19.22 -0.21 -21.73
CA LYS B 52 19.26 0.62 -20.53
C LYS B 52 18.36 1.84 -20.73
N ILE B 53 17.40 2.03 -19.83
CA ILE B 53 16.47 3.15 -19.93
C ILE B 53 16.71 4.24 -18.89
N SER B 54 17.56 3.99 -17.89
CA SER B 54 17.90 5.01 -16.90
C SER B 54 19.12 4.56 -16.12
N ASP B 55 19.78 5.53 -15.50
CA ASP B 55 20.72 5.24 -14.42
C ASP B 55 19.99 5.36 -13.09
N VAL B 56 20.59 4.79 -12.05
CA VAL B 56 20.16 5.02 -10.66
C VAL B 56 21.34 5.70 -9.97
N LEU B 57 21.16 6.97 -9.59
CA LEU B 57 22.17 7.68 -8.83
C LEU B 57 21.91 7.52 -7.34
N LEU B 58 22.97 7.65 -6.54
CA LEU B 58 22.82 7.56 -5.09
C LEU B 58 21.76 8.54 -4.58
N GLU B 59 21.77 9.77 -5.09
CA GLU B 59 20.81 10.76 -4.65
C GLU B 59 19.37 10.35 -4.94
N GLN B 60 19.16 9.48 -5.93
CA GLN B 60 17.80 9.01 -6.23
C GLN B 60 17.32 7.97 -5.23
N VAL B 61 18.19 7.04 -4.81
CA VAL B 61 17.74 6.07 -3.83
C VAL B 61 17.45 6.74 -2.48
N TYR B 62 18.18 7.80 -2.14
CA TYR B 62 17.93 8.60 -0.96
C TYR B 62 16.91 9.71 -1.21
N GLY B 63 16.34 9.77 -2.42
CA GLY B 63 15.38 10.81 -2.76
C GLY B 63 14.07 10.26 -3.28
N GLY B 64 13.68 9.09 -2.80
CA GLY B 64 12.38 8.55 -3.18
C GLY B 64 12.27 8.08 -4.61
N MET B 65 13.40 7.77 -5.26
CA MET B 65 13.44 7.27 -6.64
C MET B 65 12.85 8.25 -7.65
N ARG B 66 12.96 9.55 -7.37
CA ARG B 66 12.43 10.55 -8.26
C ARG B 66 13.11 10.47 -9.62
N GLY B 67 12.30 10.43 -10.68
CA GLY B 67 12.81 10.35 -12.03
C GLY B 67 13.12 8.97 -12.53
N ILE B 68 13.06 7.95 -11.67
CA ILE B 68 13.37 6.58 -12.09
C ILE B 68 12.16 5.98 -12.78
N PRO B 69 12.28 5.44 -13.99
CA PRO B 69 11.17 4.66 -14.56
C PRO B 69 10.98 3.39 -13.76
N GLY B 70 9.88 3.31 -13.02
CA GLY B 70 9.73 2.20 -12.10
C GLY B 70 8.36 1.55 -12.15
N SER B 71 7.55 1.92 -13.14
CA SER B 71 6.17 1.45 -13.21
C SER B 71 5.76 1.38 -14.68
N VAL B 72 5.05 0.30 -15.01
CA VAL B 72 4.37 0.17 -16.29
C VAL B 72 2.88 0.36 -16.01
N TRP B 73 2.32 1.46 -16.49
CA TRP B 73 0.95 1.85 -16.15
C TRP B 73 0.29 2.28 -17.45
N GLU B 74 -0.69 1.50 -17.92
CA GLU B 74 -1.17 1.67 -19.29
C GLU B 74 -2.23 2.76 -19.44
N GLY B 75 -3.02 3.02 -18.39
CA GLY B 75 -4.25 3.77 -18.58
C GLY B 75 -4.05 5.26 -18.81
N SER B 76 -3.00 5.84 -18.22
CA SER B 76 -2.83 7.29 -18.29
C SER B 76 -1.35 7.65 -18.27
N VAL B 77 -1.02 8.72 -19.00
CA VAL B 77 0.33 9.25 -19.09
C VAL B 77 0.20 10.77 -19.13
N LEU B 78 1.04 11.47 -18.36
CA LEU B 78 1.02 12.92 -18.35
C LEU B 78 1.77 13.47 -19.56
N ASP B 79 1.05 14.19 -20.42
CA ASP B 79 1.65 14.89 -21.54
C ASP B 79 2.12 16.25 -21.06
N PRO B 80 3.42 16.58 -21.15
CA PRO B 80 3.91 17.85 -20.58
C PRO B 80 3.33 19.07 -21.24
N GLU B 81 2.82 18.96 -22.46
CA GLU B 81 2.19 20.09 -23.12
C GLU B 81 0.68 20.09 -22.98
N ASP B 82 0.05 18.92 -22.99
CA ASP B 82 -1.39 18.82 -23.16
C ASP B 82 -2.12 18.27 -21.94
N GLY B 83 -1.40 17.97 -20.85
CA GLY B 83 -2.05 17.46 -19.65
C GLY B 83 -2.19 15.96 -19.64
N ILE B 84 -2.94 15.47 -18.64
CA ILE B 84 -3.10 14.02 -18.51
C ILE B 84 -3.86 13.48 -19.71
N ARG B 85 -3.36 12.37 -20.27
CA ARG B 85 -4.02 11.69 -21.37
C ARG B 85 -4.45 10.31 -20.90
N PHE B 86 -5.71 9.98 -21.17
CA PHE B 86 -6.26 8.66 -20.85
C PHE B 86 -6.27 7.86 -22.14
N ARG B 87 -5.40 6.86 -22.21
CA ARG B 87 -5.23 6.05 -23.41
C ARG B 87 -5.08 6.93 -24.65
N GLY B 88 -4.29 8.01 -24.51
CA GLY B 88 -3.99 8.90 -25.60
C GLY B 88 -4.94 10.07 -25.75
N ARG B 89 -6.05 10.11 -25.01
CA ARG B 89 -7.05 11.15 -25.14
C ARG B 89 -6.88 12.20 -24.06
N THR B 90 -6.85 13.47 -24.46
CA THR B 90 -6.82 14.57 -23.51
C THR B 90 -8.19 14.72 -22.83
N ILE B 91 -8.25 15.62 -21.87
CA ILE B 91 -9.55 15.97 -21.26
C ILE B 91 -10.53 16.43 -22.32
N ALA B 92 -10.08 17.29 -23.24
CA ALA B 92 -10.97 17.75 -24.31
C ALA B 92 -11.43 16.58 -25.17
N ASP B 93 -10.54 15.64 -25.46
CA ASP B 93 -10.92 14.46 -26.24
C ASP B 93 -11.97 13.62 -25.52
N ILE B 94 -11.81 13.37 -24.21
CA ILE B 94 -12.82 12.54 -23.56
C ILE B 94 -14.16 13.27 -23.47
N GLN B 95 -14.13 14.60 -23.32
CA GLN B 95 -15.39 15.35 -23.34
C GLN B 95 -16.08 15.21 -24.68
N LYS B 96 -15.32 15.22 -25.78
CA LYS B 96 -15.95 15.08 -27.09
C LYS B 96 -16.36 13.65 -27.38
N ASP B 97 -15.53 12.68 -26.96
CA ASP B 97 -15.61 11.33 -27.50
C ASP B 97 -16.44 10.36 -26.66
N LEU B 98 -16.46 10.52 -25.33
CA LEU B 98 -17.17 9.53 -24.53
C LEU B 98 -18.68 9.74 -24.62
N PRO B 99 -19.47 8.67 -24.55
CA PRO B 99 -20.91 8.85 -24.44
C PRO B 99 -21.27 9.57 -23.15
N LYS B 100 -22.45 10.18 -23.15
CA LYS B 100 -22.91 10.98 -22.02
C LYS B 100 -24.13 10.32 -21.39
N ALA B 101 -24.36 10.64 -20.12
CA ALA B 101 -25.61 10.24 -19.49
C ALA B 101 -26.78 10.88 -20.22
N LYS B 102 -27.89 10.16 -20.29
CA LYS B 102 -29.07 10.69 -20.96
C LYS B 102 -29.47 12.02 -20.34
N GLY B 103 -29.65 13.03 -21.19
CA GLY B 103 -30.02 14.35 -20.73
C GLY B 103 -28.91 15.16 -20.11
N SER B 104 -27.65 14.84 -20.41
CA SER B 104 -26.50 15.48 -19.79
C SER B 104 -25.39 15.62 -20.82
N SER B 105 -24.51 16.58 -20.57
CA SER B 105 -23.30 16.76 -21.38
C SER B 105 -22.06 16.22 -20.69
N GLN B 106 -22.20 15.56 -19.52
CA GLN B 106 -21.06 15.03 -18.79
C GLN B 106 -20.88 13.55 -19.11
N PRO B 107 -19.67 13.12 -19.46
CA PRO B 107 -19.40 11.69 -19.58
C PRO B 107 -19.44 11.03 -18.21
N LEU B 108 -19.70 9.70 -18.21
CA LEU B 108 -19.74 9.01 -16.93
C LEU B 108 -18.37 8.43 -16.61
N PRO B 109 -18.01 8.37 -15.33
CA PRO B 109 -16.76 7.68 -14.96
C PRO B 109 -16.74 6.22 -15.39
N GLU B 110 -17.90 5.56 -15.44
CA GLU B 110 -17.97 4.19 -15.96
C GLU B 110 -17.46 4.12 -17.39
N ALA B 111 -17.76 5.15 -18.20
CA ALA B 111 -17.29 5.16 -19.57
C ALA B 111 -15.77 5.30 -19.62
N LEU B 112 -15.19 6.14 -18.77
CA LEU B 112 -13.75 6.27 -18.75
C LEU B 112 -13.09 4.98 -18.25
N PHE B 113 -13.72 4.29 -17.30
CA PHE B 113 -13.19 3.01 -16.84
C PHE B 113 -13.09 2.02 -17.99
N TRP B 114 -14.13 1.96 -18.82
CA TRP B 114 -14.09 1.11 -20.01
C TRP B 114 -12.89 1.47 -20.88
N LEU B 115 -12.69 2.77 -21.13
CA LEU B 115 -11.55 3.22 -21.92
C LEU B 115 -10.22 2.85 -21.27
N LEU B 116 -10.10 3.07 -19.95
CA LEU B 116 -8.84 2.73 -19.28
C LEU B 116 -8.49 1.26 -19.42
N LEU B 117 -9.49 0.38 -19.29
CA LEU B 117 -9.23 -1.05 -19.31
C LEU B 117 -9.00 -1.60 -20.71
N THR B 118 -9.72 -1.07 -21.72
CA THR B 118 -9.69 -1.63 -23.06
C THR B 118 -8.93 -0.79 -24.07
N GLY B 119 -8.73 0.49 -23.82
CA GLY B 119 -8.20 1.39 -24.83
C GLY B 119 -9.22 1.84 -25.87
N GLU B 120 -10.49 1.49 -25.68
CA GLU B 120 -11.55 1.79 -26.64
C GLU B 120 -12.67 2.54 -25.95
N VAL B 121 -13.37 3.37 -26.72
CA VAL B 121 -14.52 4.12 -26.21
C VAL B 121 -15.75 3.23 -26.31
N PRO B 122 -16.52 3.06 -25.23
CA PRO B 122 -17.74 2.27 -25.31
C PRO B 122 -18.88 3.05 -25.96
N THR B 123 -19.86 2.31 -26.48
CA THR B 123 -21.11 2.92 -26.89
C THR B 123 -21.93 3.30 -25.67
N GLN B 124 -22.91 4.18 -25.88
CA GLN B 124 -23.81 4.56 -24.79
C GLN B 124 -24.51 3.34 -24.20
N ALA B 125 -24.94 2.42 -25.06
CA ALA B 125 -25.61 1.21 -24.59
C ALA B 125 -24.67 0.34 -23.75
N GLN B 126 -23.40 0.27 -24.15
CA GLN B 126 -22.43 -0.49 -23.35
C GLN B 126 -22.25 0.13 -21.97
N VAL B 127 -22.18 1.46 -21.91
CA VAL B 127 -22.03 2.14 -20.62
C VAL B 127 -23.25 1.89 -19.75
N GLU B 128 -24.45 2.01 -20.34
CA GLU B 128 -25.67 1.80 -19.57
C GLU B 128 -25.72 0.40 -18.98
N ASN B 129 -25.29 -0.60 -19.75
CA ASN B 129 -25.26 -1.97 -19.23
C ASN B 129 -24.20 -2.12 -18.14
N LEU B 130 -23.05 -1.47 -18.30
CA LEU B 130 -22.02 -1.54 -17.26
C LEU B 130 -22.49 -0.88 -15.98
N SER B 131 -23.14 0.28 -16.09
CA SER B 131 -23.72 0.93 -14.91
C SER B 131 -24.69 0.00 -14.21
N ALA B 132 -25.54 -0.68 -14.97
CA ALA B 132 -26.52 -1.58 -14.37
C ALA B 132 -25.85 -2.76 -13.69
N ASP B 133 -24.77 -3.29 -14.29
CA ASP B 133 -24.02 -4.37 -13.66
C ASP B 133 -23.42 -3.90 -12.33
N LEU B 134 -22.81 -2.71 -12.32
CA LEU B 134 -22.25 -2.19 -11.07
C LEU B 134 -23.32 -2.03 -10.01
N MET B 135 -24.47 -1.45 -10.37
CA MET B 135 -25.51 -1.26 -9.38
C MET B 135 -26.09 -2.58 -8.89
N SER B 136 -26.10 -3.61 -9.74
CA SER B 136 -26.56 -4.93 -9.30
C SER B 136 -25.63 -5.55 -8.26
N ARG B 137 -24.39 -5.05 -8.16
CA ARG B 137 -23.41 -5.56 -7.22
C ARG B 137 -23.24 -4.65 -6.01
N SER B 138 -24.16 -3.74 -5.77
CA SER B 138 -23.95 -2.65 -4.82
C SER B 138 -24.45 -2.94 -3.41
N GLU B 139 -25.10 -4.06 -3.15
CA GLU B 139 -25.65 -4.32 -1.82
C GLU B 139 -24.54 -4.69 -0.86
N LEU B 140 -24.42 -3.94 0.24
CA LEU B 140 -23.40 -4.24 1.24
C LEU B 140 -23.82 -5.44 2.07
N PRO B 141 -22.89 -6.37 2.34
CA PRO B 141 -23.20 -7.45 3.28
C PRO B 141 -23.51 -6.88 4.65
N SER B 142 -24.33 -7.63 5.41
CA SER B 142 -24.79 -7.14 6.70
CA SER B 142 -24.79 -7.14 6.70
C SER B 142 -23.62 -6.82 7.63
N HIS B 143 -22.55 -7.62 7.60
CA HIS B 143 -21.45 -7.37 8.52
C HIS B 143 -20.74 -6.06 8.23
N VAL B 144 -20.78 -5.60 6.98
CA VAL B 144 -20.15 -4.32 6.64
C VAL B 144 -21.02 -3.15 7.08
N VAL B 145 -22.34 -3.27 6.88
CA VAL B 145 -23.26 -2.26 7.41
C VAL B 145 -23.09 -2.12 8.92
N GLN B 146 -23.10 -3.24 9.63
CA GLN B 146 -22.95 -3.23 11.09
C GLN B 146 -21.63 -2.62 11.51
N LEU B 147 -20.54 -3.02 10.85
CA LEU B 147 -19.22 -2.48 11.17
C LEU B 147 -19.22 -0.97 11.02
N LEU B 148 -19.69 -0.46 9.87
CA LEU B 148 -19.68 0.97 9.64
C LEU B 148 -20.56 1.71 10.64
N ASP B 149 -21.77 1.20 10.89
CA ASP B 149 -22.70 1.89 11.78
C ASP B 149 -22.19 1.98 13.20
N ASN B 150 -21.27 1.11 13.61
CA ASN B 150 -20.79 1.11 14.98
C ASN B 150 -19.39 1.72 15.16
N LEU B 151 -18.74 2.17 14.08
CA LEU B 151 -17.44 2.81 14.24
C LEU B 151 -17.62 4.20 14.84
N PRO B 152 -16.66 4.67 15.64
CA PRO B 152 -16.80 5.99 16.27
C PRO B 152 -16.76 7.10 15.24
N LYS B 153 -17.55 8.16 15.50
CA LYS B 153 -17.60 9.30 14.59
C LYS B 153 -16.25 10.01 14.49
N ASP B 154 -15.38 9.86 15.48
CA ASP B 154 -14.07 10.48 15.46
C ASP B 154 -13.00 9.62 14.78
N LEU B 155 -13.37 8.46 14.26
CA LEU B 155 -12.47 7.69 13.42
C LEU B 155 -12.54 8.26 12.00
N HIS B 156 -11.40 8.68 11.48
CA HIS B 156 -11.37 9.49 10.27
C HIS B 156 -12.09 8.80 9.12
N PRO B 157 -12.82 9.55 8.29
CA PRO B 157 -13.55 8.91 7.17
C PRO B 157 -12.69 8.03 6.28
N MET B 158 -11.42 8.38 6.03
CA MET B 158 -10.58 7.52 5.21
C MET B 158 -10.25 6.20 5.91
N ALA B 159 -10.13 6.22 7.24
CA ALA B 159 -9.91 4.96 7.94
C ALA B 159 -11.17 4.10 7.90
N GLN B 160 -12.35 4.71 8.04
CA GLN B 160 -13.58 3.94 7.90
C GLN B 160 -13.68 3.34 6.51
N PHE B 161 -13.25 4.10 5.49
CA PHE B 161 -13.34 3.66 4.11
C PHE B 161 -12.49 2.41 3.88
N SER B 162 -11.21 2.47 4.27
CA SER B 162 -10.36 1.32 4.02
C SER B 162 -10.76 0.12 4.89
N ILE B 163 -11.29 0.36 6.09
CA ILE B 163 -11.81 -0.73 6.92
C ILE B 163 -12.95 -1.46 6.20
N ALA B 164 -13.92 -0.69 5.67
CA ALA B 164 -15.05 -1.30 5.00
C ALA B 164 -14.64 -2.10 3.78
N VAL B 165 -13.71 -1.55 2.98
CA VAL B 165 -13.21 -2.27 1.81
C VAL B 165 -12.54 -3.58 2.23
N THR B 166 -11.72 -3.53 3.28
CA THR B 166 -11.07 -4.74 3.76
C THR B 166 -12.08 -5.77 4.27
N ALA B 167 -13.15 -5.30 4.92
CA ALA B 167 -14.15 -6.22 5.44
C ALA B 167 -14.87 -6.99 4.34
N LEU B 168 -14.82 -6.51 3.10
CA LEU B 168 -15.40 -7.22 1.98
C LEU B 168 -14.54 -8.39 1.49
N GLU B 169 -13.36 -8.59 2.09
CA GLU B 169 -12.49 -9.69 1.65
C GLU B 169 -13.19 -11.04 1.76
N SER B 170 -14.16 -11.16 2.66
CA SER B 170 -14.93 -12.40 2.77
C SER B 170 -15.68 -12.73 1.50
N GLU B 171 -15.93 -11.74 0.64
CA GLU B 171 -16.62 -11.94 -0.62
C GLU B 171 -15.68 -12.25 -1.78
N SER B 172 -14.36 -12.19 -1.55
CA SER B 172 -13.42 -12.20 -2.66
C SER B 172 -13.48 -13.48 -3.46
N LYS B 173 -13.86 -13.36 -4.73
CA LYS B 173 -13.85 -14.48 -5.65
C LYS B 173 -12.42 -14.88 -6.03
N PHE B 174 -11.51 -13.92 -6.12
CA PHE B 174 -10.13 -14.29 -6.40
C PHE B 174 -9.53 -15.12 -5.27
N ALA B 175 -9.72 -14.68 -4.03
CA ALA B 175 -9.15 -15.41 -2.90
C ALA B 175 -9.72 -16.82 -2.82
N LYS B 176 -11.03 -16.97 -3.02
CA LYS B 176 -11.64 -18.30 -2.97
C LYS B 176 -11.16 -19.19 -4.11
N ALA B 177 -11.05 -18.62 -5.32
CA ALA B 177 -10.57 -19.41 -6.45
C ALA B 177 -9.09 -19.76 -6.31
N TYR B 178 -8.28 -18.83 -5.80
CA TYR B 178 -6.87 -19.15 -5.58
C TYR B 178 -6.73 -20.33 -4.63
N ALA B 179 -7.59 -20.41 -3.62
CA ALA B 179 -7.55 -21.52 -2.67
C ALA B 179 -7.97 -22.83 -3.32
N GLN B 180 -8.82 -22.76 -4.35
CA GLN B 180 -9.23 -23.95 -5.11
C GLN B 180 -8.20 -24.38 -6.15
N GLY B 181 -7.11 -23.63 -6.32
CA GLY B 181 -6.02 -24.08 -7.16
C GLY B 181 -6.11 -23.67 -8.62
N ILE B 182 -6.67 -22.50 -8.92
CA ILE B 182 -6.75 -22.07 -10.32
C ILE B 182 -5.37 -21.80 -10.89
N SER B 183 -5.27 -21.89 -12.21
CA SER B 183 -4.03 -21.62 -12.91
C SER B 183 -3.79 -20.11 -13.03
N LYS B 184 -2.52 -19.76 -13.17
CA LYS B 184 -2.14 -18.36 -13.35
C LYS B 184 -2.82 -17.73 -14.55
N GLN B 185 -3.11 -18.51 -15.58
CA GLN B 185 -3.76 -17.97 -16.78
C GLN B 185 -5.22 -17.58 -16.52
N ASP B 186 -5.80 -17.97 -15.39
CA ASP B 186 -7.19 -17.66 -15.08
C ASP B 186 -7.34 -16.59 -14.01
N TYR B 187 -6.24 -16.07 -13.45
CA TYR B 187 -6.34 -15.09 -12.37
C TYR B 187 -7.18 -13.89 -12.77
N TRP B 188 -6.98 -13.38 -13.99
CA TRP B 188 -7.58 -12.11 -14.39
C TRP B 188 -9.11 -12.16 -14.30
N SER B 189 -9.71 -13.32 -14.55
CA SER B 189 -11.17 -13.41 -14.60
C SER B 189 -11.77 -13.14 -13.23
N TYR B 190 -11.18 -13.71 -12.18
CA TYR B 190 -11.66 -13.50 -10.83
C TYR B 190 -11.27 -12.12 -10.31
N THR B 191 -10.08 -11.63 -10.69
CA THR B 191 -9.71 -10.25 -10.39
C THR B 191 -10.72 -9.27 -10.97
N PHE B 192 -11.14 -9.50 -12.22
CA PHE B 192 -12.15 -8.65 -12.86
C PHE B 192 -13.45 -8.66 -12.07
N GLU B 193 -13.94 -9.85 -11.70
CA GLU B 193 -15.21 -9.92 -10.99
C GLU B 193 -15.13 -9.25 -9.62
N ASP B 194 -14.03 -9.47 -8.90
CA ASP B 194 -13.86 -8.79 -7.62
C ASP B 194 -13.81 -7.27 -7.80
N SER B 195 -13.16 -6.80 -8.88
CA SER B 195 -13.07 -5.36 -9.11
C SER B 195 -14.43 -4.75 -9.35
N LEU B 196 -15.28 -5.39 -10.15
CA LEU B 196 -16.61 -4.84 -10.39
C LEU B 196 -17.49 -4.95 -9.15
N ASP B 197 -17.37 -6.05 -8.40
CA ASP B 197 -18.08 -6.17 -7.13
C ASP B 197 -17.70 -5.05 -6.18
N LEU B 198 -16.41 -4.71 -6.14
CA LEU B 198 -15.92 -3.67 -5.25
C LEU B 198 -16.37 -2.29 -5.71
N LEU B 199 -16.21 -2.00 -7.01
CA LEU B 199 -16.65 -0.72 -7.56
C LEU B 199 -18.12 -0.48 -7.29
N GLY B 200 -18.95 -1.52 -7.47
CA GLY B 200 -20.38 -1.35 -7.24
C GLY B 200 -20.70 -0.91 -5.82
N LYS B 201 -19.85 -1.27 -4.86
CA LYS B 201 -20.12 -0.95 -3.46
C LYS B 201 -19.50 0.35 -2.98
N LEU B 202 -18.54 0.92 -3.73
CA LEU B 202 -17.88 2.12 -3.24
C LEU B 202 -18.82 3.29 -3.01
N PRO B 203 -19.77 3.61 -3.90
CA PRO B 203 -20.66 4.74 -3.60
C PRO B 203 -21.50 4.51 -2.35
N VAL B 204 -21.86 3.25 -2.06
CA VAL B 204 -22.67 2.95 -0.89
C VAL B 204 -21.84 3.11 0.38
N ILE B 205 -20.62 2.58 0.36
CA ILE B 205 -19.71 2.73 1.51
C ILE B 205 -19.45 4.20 1.78
N ALA B 206 -19.11 4.96 0.73
CA ALA B 206 -18.78 6.36 0.92
C ALA B 206 -19.99 7.14 1.46
N ALA B 207 -21.17 6.89 0.90
CA ALA B 207 -22.36 7.59 1.36
C ALA B 207 -22.72 7.21 2.78
N LYS B 208 -22.58 5.93 3.13
CA LYS B 208 -22.87 5.52 4.51
C LYS B 208 -21.95 6.22 5.49
N ILE B 209 -20.67 6.32 5.16
CA ILE B 209 -19.74 7.06 6.01
C ILE B 209 -20.17 8.51 6.14
N TYR B 210 -20.52 9.14 5.01
CA TYR B 210 -20.97 10.53 5.04
C TYR B 210 -22.18 10.71 5.94
N ARG B 211 -23.21 9.86 5.75
CA ARG B 211 -24.43 9.99 6.54
C ARG B 211 -24.17 9.73 8.02
N ASN B 212 -23.34 8.74 8.34
CA ASN B 212 -23.10 8.39 9.75
C ASN B 212 -22.28 9.46 10.45
N VAL B 213 -21.20 9.92 9.82
CA VAL B 213 -20.28 10.83 10.48
C VAL B 213 -20.84 12.25 10.54
N PHE B 214 -21.45 12.72 9.45
CA PHE B 214 -21.79 14.12 9.32
C PHE B 214 -23.28 14.42 9.37
N LYS B 215 -24.15 13.42 9.23
CA LYS B 215 -25.58 13.66 9.18
C LYS B 215 -26.31 12.78 10.19
N ASP B 216 -27.47 12.24 9.82
CA ASP B 216 -28.33 11.50 10.74
C ASP B 216 -28.22 9.99 10.60
N GLY B 217 -27.25 9.50 9.83
CA GLY B 217 -27.13 8.07 9.57
C GLY B 217 -28.15 7.51 8.63
N LYS B 218 -29.11 8.30 8.16
CA LYS B 218 -30.19 7.80 7.33
C LYS B 218 -29.77 7.83 5.86
N MET B 219 -29.93 6.69 5.19
CA MET B 219 -29.55 6.55 3.81
C MET B 219 -30.69 5.89 3.03
N GLY B 220 -30.90 6.37 1.82
CA GLY B 220 -31.86 5.78 0.92
C GLY B 220 -31.36 4.48 0.33
N GLU B 221 -31.95 4.09 -0.80
CA GLU B 221 -31.62 2.84 -1.46
C GLU B 221 -31.09 3.12 -2.85
N VAL B 222 -30.29 2.16 -3.35
CA VAL B 222 -29.68 2.30 -4.68
C VAL B 222 -30.75 2.22 -5.75
N ASP B 223 -30.71 3.15 -6.70
CA ASP B 223 -31.56 3.12 -7.88
C ASP B 223 -30.91 2.20 -8.91
N PRO B 224 -31.54 1.07 -9.23
CA PRO B 224 -30.91 0.10 -10.15
C PRO B 224 -30.69 0.64 -11.56
N ASN B 225 -31.33 1.77 -11.91
CA ASN B 225 -31.16 2.39 -13.22
C ASN B 225 -30.29 3.63 -13.17
N ALA B 226 -29.84 4.05 -11.99
CA ALA B 226 -28.97 5.21 -11.88
C ALA B 226 -27.52 4.82 -12.14
N ASP B 227 -26.73 5.80 -12.57
CA ASP B 227 -25.31 5.59 -12.78
C ASP B 227 -24.55 5.76 -11.47
N TYR B 228 -23.25 5.47 -11.53
CA TYR B 228 -22.40 5.43 -10.34
C TYR B 228 -22.41 6.77 -9.60
N ALA B 229 -22.17 7.86 -10.33
CA ALA B 229 -22.13 9.18 -9.70
C ALA B 229 -23.50 9.58 -9.17
N LYS B 230 -24.57 9.28 -9.93
CA LYS B 230 -25.92 9.63 -9.49
C LYS B 230 -26.28 8.88 -8.22
N ASN B 231 -25.94 7.58 -8.15
CA ASN B 231 -26.14 6.81 -6.93
C ASN B 231 -25.40 7.44 -5.75
N LEU B 232 -24.14 7.82 -5.96
CA LEU B 232 -23.37 8.45 -4.89
C LEU B 232 -24.06 9.71 -4.37
N VAL B 233 -24.47 10.60 -5.27
CA VAL B 233 -25.06 11.87 -4.86
C VAL B 233 -26.41 11.66 -4.19
N ASN B 234 -27.26 10.81 -4.78
CA ASN B 234 -28.56 10.54 -4.18
C ASN B 234 -28.43 9.94 -2.79
N LEU B 235 -27.52 8.97 -2.63
CA LEU B 235 -27.33 8.36 -1.32
C LEU B 235 -26.74 9.34 -0.32
N ILE B 236 -25.85 10.22 -0.78
CA ILE B 236 -25.30 11.26 0.09
C ILE B 236 -26.41 12.18 0.58
N GLY B 237 -27.46 12.37 -0.22
CA GLY B 237 -28.64 13.07 0.24
C GLY B 237 -29.13 14.20 -0.66
N SER B 238 -28.76 14.20 -1.94
CA SER B 238 -29.20 15.27 -2.84
C SER B 238 -29.82 14.67 -4.09
N LYS B 239 -30.91 15.29 -4.55
CA LYS B 239 -31.54 14.96 -5.82
C LYS B 239 -31.21 15.98 -6.91
N ASP B 240 -30.35 16.95 -6.62
CA ASP B 240 -30.04 18.04 -7.53
C ASP B 240 -29.31 17.50 -8.76
N GLU B 241 -29.92 17.62 -9.93
CA GLU B 241 -29.32 17.07 -11.15
C GLU B 241 -28.02 17.77 -11.52
N ASP B 242 -27.87 19.05 -11.16
CA ASP B 242 -26.60 19.73 -11.40
C ASP B 242 -25.49 19.17 -10.51
N PHE B 243 -25.83 18.84 -9.26
CA PHE B 243 -24.86 18.19 -8.38
C PHE B 243 -24.48 16.82 -8.93
N VAL B 244 -25.46 16.08 -9.45
CA VAL B 244 -25.15 14.81 -10.11
C VAL B 244 -24.15 15.03 -11.24
N ASP B 245 -24.41 16.04 -12.09
CA ASP B 245 -23.50 16.34 -13.18
C ASP B 245 -22.11 16.72 -12.67
N LEU B 246 -22.03 17.50 -11.60
CA LEU B 246 -20.73 17.83 -11.02
C LEU B 246 -19.99 16.56 -10.61
N MET B 247 -20.69 15.62 -9.96
CA MET B 247 -20.03 14.41 -9.51
CA MET B 247 -20.00 14.43 -9.52
C MET B 247 -19.60 13.52 -10.68
N ARG B 248 -20.38 13.50 -11.77
CA ARG B 248 -19.92 12.80 -12.95
C ARG B 248 -18.60 13.38 -13.43
N LEU B 249 -18.50 14.71 -13.48
CA LEU B 249 -17.27 15.38 -13.88
C LEU B 249 -16.14 15.08 -12.91
N TYR B 250 -16.39 15.28 -11.60
CA TYR B 250 -15.36 15.07 -10.59
C TYR B 250 -14.83 13.65 -10.64
N LEU B 251 -15.73 12.66 -10.68
CA LEU B 251 -15.29 11.27 -10.63
C LEU B 251 -14.61 10.85 -11.93
N THR B 252 -14.96 11.46 -13.06
CA THR B 252 -14.25 11.16 -14.29
C THR B 252 -12.82 11.71 -14.25
N ILE B 253 -12.67 12.99 -13.91
CA ILE B 253 -11.37 13.63 -14.08
C ILE B 253 -10.35 13.22 -13.03
N HIS B 254 -10.78 12.63 -11.91
CA HIS B 254 -9.87 12.17 -10.87
C HIS B 254 -9.57 10.68 -10.96
N SER B 255 -10.00 9.99 -12.04
CA SER B 255 -10.01 8.55 -12.00
CA SER B 255 -10.03 8.53 -12.08
C SER B 255 -8.64 7.91 -12.18
N ASP B 256 -7.67 8.61 -12.78
CA ASP B 256 -6.36 7.99 -12.98
C ASP B 256 -5.35 9.09 -13.26
N HIS B 257 -4.12 8.91 -12.75
CA HIS B 257 -3.06 9.88 -13.03
C HIS B 257 -1.70 9.19 -12.88
N GLU B 258 -1.43 8.25 -13.79
CA GLU B 258 -0.16 7.51 -13.83
C GLU B 258 0.02 6.54 -12.67
N GLY B 259 1.15 5.84 -12.65
CA GLY B 259 1.34 4.78 -11.69
C GLY B 259 2.43 5.01 -10.65
N GLY B 260 3.09 6.15 -10.70
CA GLY B 260 4.17 6.42 -9.77
C GLY B 260 3.74 7.02 -8.45
N ASN B 261 2.53 7.58 -8.39
CA ASN B 261 2.06 8.21 -7.16
C ASN B 261 1.81 7.16 -6.08
N VAL B 262 1.77 7.60 -4.82
CA VAL B 262 1.82 6.67 -3.70
C VAL B 262 0.63 5.70 -3.73
N SER B 263 -0.58 6.20 -3.99
CA SER B 263 -1.73 5.29 -3.89
C SER B 263 -1.77 4.28 -5.03
N ALA B 264 -1.49 4.72 -6.26
CA ALA B 264 -1.47 3.77 -7.38
C ALA B 264 -0.36 2.74 -7.19
N HIS B 265 0.83 3.21 -6.82
CA HIS B 265 1.97 2.33 -6.62
C HIS B 265 1.70 1.32 -5.51
N THR B 266 1.16 1.78 -4.38
CA THR B 266 0.84 0.89 -3.26
C THR B 266 -0.12 -0.20 -3.70
N SER B 267 -1.17 0.17 -4.44
CA SER B 267 -2.14 -0.82 -4.90
CA SER B 267 -2.14 -0.83 -4.88
C SER B 267 -1.50 -1.86 -5.81
N HIS B 268 -0.64 -1.40 -6.73
CA HIS B 268 0.07 -2.31 -7.61
C HIS B 268 0.98 -3.25 -6.83
N LEU B 269 1.69 -2.71 -5.83
CA LEU B 269 2.65 -3.49 -5.06
C LEU B 269 1.95 -4.59 -4.27
N VAL B 270 0.90 -4.23 -3.53
CA VAL B 270 0.14 -5.23 -2.79
C VAL B 270 -0.49 -6.25 -3.73
N GLY B 271 -1.03 -5.78 -4.86
CA GLY B 271 -1.62 -6.70 -5.83
C GLY B 271 -0.62 -7.66 -6.43
N SER B 272 0.65 -7.26 -6.51
CA SER B 272 1.67 -8.09 -7.15
C SER B 272 2.00 -9.33 -6.32
N ALA B 273 1.66 -9.33 -5.03
CA ALA B 273 1.79 -10.51 -4.19
C ALA B 273 0.56 -11.39 -4.23
N LEU B 274 -0.40 -11.06 -5.09
CA LEU B 274 -1.66 -11.77 -5.31
C LEU B 274 -2.67 -11.57 -4.18
N SER B 275 -2.52 -10.52 -3.39
CA SER B 275 -3.62 -10.07 -2.55
C SER B 275 -4.77 -9.61 -3.44
N SER B 276 -5.99 -9.77 -2.94
CA SER B 276 -7.18 -9.53 -3.76
C SER B 276 -7.35 -8.04 -4.06
N PRO B 277 -8.26 -7.69 -4.98
CA PRO B 277 -8.53 -6.26 -5.20
C PRO B 277 -8.98 -5.52 -3.96
N TYR B 278 -9.66 -6.21 -3.04
CA TYR B 278 -10.09 -5.56 -1.80
C TYR B 278 -8.88 -5.12 -0.97
N LEU B 279 -7.93 -6.03 -0.74
CA LEU B 279 -6.76 -5.66 0.05
C LEU B 279 -5.87 -4.68 -0.69
N SER B 280 -5.80 -4.80 -2.01
CA SER B 280 -4.98 -3.89 -2.81
C SER B 280 -5.55 -2.48 -2.78
N LEU B 281 -6.87 -2.34 -2.97
CA LEU B 281 -7.46 -1.01 -2.93
C LEU B 281 -7.41 -0.42 -1.53
N ALA B 282 -7.68 -1.25 -0.52
CA ALA B 282 -7.61 -0.73 0.85
C ALA B 282 -6.24 -0.15 1.14
N SER B 283 -5.17 -0.83 0.70
CA SER B 283 -3.82 -0.32 0.91
C SER B 283 -3.59 0.98 0.13
N GLY B 284 -4.05 1.03 -1.12
CA GLY B 284 -3.96 2.26 -1.89
C GLY B 284 -4.67 3.42 -1.23
N LEU B 285 -5.86 3.15 -0.67
CA LEU B 285 -6.59 4.20 0.04
C LEU B 285 -5.81 4.72 1.23
N ASN B 286 -5.12 3.84 1.96
CA ASN B 286 -4.31 4.29 3.08
C ASN B 286 -3.18 5.20 2.62
N GLY B 287 -2.65 4.95 1.42
CA GLY B 287 -1.66 5.85 0.86
C GLY B 287 -2.26 7.19 0.49
N LEU B 288 -3.43 7.17 -0.13
CA LEU B 288 -4.14 8.40 -0.46
C LEU B 288 -4.50 9.19 0.80
N ALA B 289 -4.69 8.50 1.92
CA ALA B 289 -5.02 9.15 3.18
C ALA B 289 -3.86 9.96 3.75
N GLY B 290 -2.64 9.73 3.27
CA GLY B 290 -1.49 10.45 3.77
C GLY B 290 -1.60 11.93 3.44
N PRO B 291 -1.27 12.80 4.40
CA PRO B 291 -1.46 14.24 4.16
C PRO B 291 -0.60 14.80 3.05
N LEU B 292 0.48 14.13 2.66
CA LEU B 292 1.29 14.62 1.55
C LEU B 292 0.76 14.17 0.19
N HIS B 293 -0.27 13.32 0.15
CA HIS B 293 -0.75 12.76 -1.11
C HIS B 293 -2.18 13.19 -1.43
N GLY B 294 -3.15 12.95 -0.55
CA GLY B 294 -4.54 13.05 -0.94
C GLY B 294 -5.32 14.24 -0.43
N ARG B 295 -4.66 15.31 0.03
CA ARG B 295 -5.34 16.42 0.69
CA ARG B 295 -5.32 16.42 0.70
C ARG B 295 -5.13 17.76 0.00
N ALA B 296 -4.66 17.76 -1.25
CA ALA B 296 -4.38 19.04 -1.90
C ALA B 296 -5.64 19.89 -2.05
N ASN B 297 -6.78 19.25 -2.32
CA ASN B 297 -8.06 19.93 -2.39
C ASN B 297 -8.35 20.68 -1.10
N GLN B 298 -8.19 19.98 0.04
CA GLN B 298 -8.46 20.58 1.34
C GLN B 298 -7.48 21.70 1.66
N GLU B 299 -6.21 21.51 1.31
CA GLU B 299 -5.21 22.55 1.54
C GLU B 299 -5.56 23.83 0.80
N VAL B 300 -6.00 23.70 -0.46
CA VAL B 300 -6.43 24.87 -1.22
C VAL B 300 -7.61 25.55 -0.54
N LEU B 301 -8.60 24.76 -0.13
CA LEU B 301 -9.80 25.32 0.48
C LEU B 301 -9.48 26.07 1.76
N GLU B 302 -8.63 25.49 2.62
CA GLU B 302 -8.23 26.17 3.85
C GLU B 302 -7.54 27.49 3.54
N TRP B 303 -6.67 27.50 2.53
CA TRP B 303 -5.99 28.72 2.14
C TRP B 303 -6.97 29.75 1.61
N LEU B 304 -7.94 29.32 0.79
CA LEU B 304 -8.96 30.25 0.29
C LEU B 304 -9.75 30.88 1.42
N PHE B 305 -10.12 30.08 2.42
CA PHE B 305 -10.88 30.61 3.56
C PHE B 305 -10.06 31.61 4.37
N ALA B 306 -8.78 31.30 4.60
CA ALA B 306 -7.93 32.23 5.35
C ALA B 306 -7.70 33.51 4.58
N LEU B 307 -7.54 33.42 3.26
CA LEU B 307 -7.42 34.62 2.43
C LEU B 307 -8.68 35.46 2.53
N LYS B 308 -9.84 34.84 2.33
CA LYS B 308 -11.11 35.54 2.39
C LYS B 308 -11.27 36.32 3.68
N GLU B 309 -10.92 35.70 4.81
CA GLU B 309 -11.00 36.39 6.10
C GLU B 309 -10.02 37.56 6.17
N GLU B 310 -8.78 37.35 5.73
CA GLU B 310 -7.75 38.38 5.85
C GLU B 310 -8.07 39.59 4.98
N VAL B 311 -8.60 39.37 3.77
CA VAL B 311 -8.88 40.46 2.84
C VAL B 311 -10.25 41.08 3.06
N ASN B 312 -11.01 40.61 4.04
CA ASN B 312 -12.34 41.15 4.34
C ASN B 312 -13.25 41.13 3.11
N ASP B 313 -13.25 40.00 2.39
CA ASP B 313 -14.09 39.74 1.23
C ASP B 313 -13.77 40.61 0.02
N ASP B 314 -12.64 41.32 0.02
CA ASP B 314 -12.25 42.16 -1.11
C ASP B 314 -11.40 41.33 -2.07
N TYR B 315 -11.92 41.08 -3.27
CA TYR B 315 -11.26 40.26 -4.27
C TYR B 315 -10.80 41.08 -5.47
N SER B 316 -10.49 42.35 -5.27
CA SER B 316 -10.05 43.18 -6.38
C SER B 316 -8.63 42.78 -6.80
N LYS B 317 -8.26 43.18 -8.01
CA LYS B 317 -6.96 42.82 -8.56
C LYS B 317 -5.82 43.30 -7.65
N ASP B 318 -5.89 44.57 -7.22
CA ASP B 318 -4.83 45.10 -6.36
C ASP B 318 -4.78 44.38 -5.02
N THR B 319 -5.95 44.09 -4.44
CA THR B 319 -5.97 43.40 -3.15
C THR B 319 -5.45 41.98 -3.27
N ILE B 320 -5.86 41.26 -4.31
CA ILE B 320 -5.41 39.88 -4.48
C ILE B 320 -3.93 39.82 -4.81
N GLU B 321 -3.46 40.70 -5.72
CA GLU B 321 -2.05 40.68 -6.09
C GLU B 321 -1.16 40.97 -4.89
N LYS B 322 -1.57 41.90 -4.02
CA LYS B 322 -0.78 42.17 -2.82
C LYS B 322 -0.76 40.95 -1.89
N TYR B 323 -1.90 40.28 -1.74
CA TYR B 323 -1.93 39.07 -0.93
C TYR B 323 -1.02 38.00 -1.48
N LEU B 324 -1.01 37.83 -2.81
CA LEU B 324 -0.15 36.82 -3.43
C LEU B 324 1.32 37.19 -3.29
N TRP B 325 1.66 38.47 -3.47
CA TRP B 325 3.04 38.90 -3.31
C TRP B 325 3.52 38.67 -1.88
N ASP B 326 2.67 38.96 -0.89
CA ASP B 326 3.06 38.74 0.51
C ASP B 326 3.24 37.26 0.80
N THR B 327 2.41 36.41 0.21
CA THR B 327 2.55 34.97 0.40
C THR B 327 3.89 34.47 -0.14
N LEU B 328 4.23 34.86 -1.37
CA LEU B 328 5.46 34.39 -1.99
C LEU B 328 6.68 35.01 -1.32
N ASN B 329 6.63 36.31 -0.99
CA ASN B 329 7.77 36.96 -0.37
C ASN B 329 8.05 36.44 1.04
N SER B 330 7.06 35.85 1.71
CA SER B 330 7.25 35.29 3.04
C SER B 330 7.75 33.85 2.98
N GLY B 331 8.02 33.30 1.80
CA GLY B 331 8.54 31.96 1.67
C GLY B 331 7.50 30.86 1.52
N ARG B 332 6.23 31.22 1.33
CA ARG B 332 5.17 30.25 1.18
C ARG B 332 4.70 30.19 -0.27
N VAL B 333 4.10 29.06 -0.63
CA VAL B 333 3.63 28.83 -1.99
C VAL B 333 2.15 29.16 -2.06
N ILE B 334 1.67 29.33 -3.29
CA ILE B 334 0.25 29.45 -3.57
C ILE B 334 -0.29 28.04 -3.81
N PRO B 335 -1.10 27.50 -2.89
CA PRO B 335 -1.55 26.11 -3.06
C PRO B 335 -2.31 25.93 -4.37
N GLY B 336 -2.03 24.81 -5.04
CA GLY B 336 -2.68 24.51 -6.30
C GLY B 336 -2.05 25.13 -7.53
N TYR B 337 -0.98 25.90 -7.38
CA TYR B 337 -0.32 26.57 -8.50
C TYR B 337 1.15 26.16 -8.56
N GLY B 338 1.62 25.89 -9.76
CA GLY B 338 2.98 25.42 -9.97
C GLY B 338 3.05 23.94 -10.27
N HIS B 339 3.47 23.59 -11.48
CA HIS B 339 3.64 22.19 -11.88
C HIS B 339 5.12 21.87 -11.98
N ALA B 340 5.47 20.64 -11.63
CA ALA B 340 6.84 20.18 -11.84
C ALA B 340 7.13 19.93 -13.31
N VAL B 341 6.12 19.51 -14.08
CA VAL B 341 6.34 19.04 -15.45
C VAL B 341 5.39 19.73 -16.43
N LEU B 342 4.11 19.79 -16.08
CA LEU B 342 3.09 20.29 -16.99
C LEU B 342 3.30 21.79 -17.23
N ARG B 343 3.28 22.19 -18.50
CA ARG B 343 3.71 23.53 -18.88
C ARG B 343 2.57 24.51 -19.10
N LYS B 344 1.32 24.11 -18.84
CA LYS B 344 0.18 25.01 -18.99
C LYS B 344 -0.82 24.67 -17.88
N THR B 345 -1.93 25.41 -17.86
CA THR B 345 -3.00 25.10 -16.91
C THR B 345 -3.49 23.68 -17.13
N ASP B 346 -3.69 22.96 -16.03
CA ASP B 346 -4.26 21.62 -16.06
C ASP B 346 -5.62 21.68 -16.76
N PRO B 347 -5.84 20.93 -17.84
CA PRO B 347 -7.18 20.91 -18.45
C PRO B 347 -8.28 20.50 -17.48
N ARG B 348 -7.94 19.76 -16.43
CA ARG B 348 -8.94 19.44 -15.41
C ARG B 348 -9.34 20.66 -14.60
N TYR B 349 -8.41 21.61 -14.40
CA TYR B 349 -8.80 22.89 -13.81
C TYR B 349 -9.77 23.62 -14.72
N MET B 350 -9.45 23.68 -16.02
CA MET B 350 -10.30 24.42 -16.96
C MET B 350 -11.69 23.81 -17.07
N ALA B 351 -11.79 22.48 -16.98
CA ALA B 351 -13.10 21.83 -17.03
C ALA B 351 -13.94 22.20 -15.82
N GLN B 352 -13.31 22.35 -14.66
CA GLN B 352 -14.05 22.76 -13.47
C GLN B 352 -14.42 24.23 -13.52
N ARG B 353 -13.52 25.06 -14.05
CA ARG B 353 -13.84 26.47 -14.25
C ARG B 353 -15.04 26.63 -15.19
N LYS B 354 -15.06 25.86 -16.28
CA LYS B 354 -16.20 25.90 -17.20
C LYS B 354 -17.48 25.48 -16.49
N PHE B 355 -17.41 24.44 -15.65
CA PHE B 355 -18.60 24.03 -14.93
C PHE B 355 -19.14 25.17 -14.07
N ALA B 356 -18.25 25.85 -13.34
CA ALA B 356 -18.69 26.97 -12.50
C ALA B 356 -19.24 28.11 -13.34
N MET B 357 -18.58 28.42 -14.46
CA MET B 357 -19.05 29.49 -15.34
CA MET B 357 -19.06 29.50 -15.30
C MET B 357 -20.43 29.19 -15.90
N ASP B 358 -20.72 27.90 -16.17
CA ASP B 358 -21.99 27.51 -16.75
C ASP B 358 -23.10 27.34 -15.71
N HIS B 359 -22.77 27.20 -14.43
CA HIS B 359 -23.76 26.88 -13.42
C HIS B 359 -23.92 27.93 -12.33
N PHE B 360 -22.83 28.56 -11.89
CA PHE B 360 -22.91 29.55 -10.82
C PHE B 360 -21.81 30.60 -10.91
N PRO B 361 -21.79 31.42 -11.96
CA PRO B 361 -20.69 32.37 -12.12
C PRO B 361 -20.64 33.46 -11.06
N ASP B 362 -21.74 33.71 -10.33
CA ASP B 362 -21.78 34.74 -9.31
C ASP B 362 -21.52 34.21 -7.91
N TYR B 363 -21.27 32.91 -7.76
CA TYR B 363 -20.96 32.36 -6.46
C TYR B 363 -19.69 32.99 -5.91
N GLU B 364 -19.78 33.53 -4.69
CA GLU B 364 -18.71 34.37 -4.14
C GLU B 364 -17.39 33.62 -4.06
N LEU B 365 -17.42 32.36 -3.62
CA LEU B 365 -16.19 31.59 -3.51
C LEU B 365 -15.58 31.31 -4.88
N PHE B 366 -16.41 31.13 -5.90
CA PHE B 366 -15.89 30.99 -7.25
C PHE B 366 -15.28 32.30 -7.75
N LYS B 367 -15.89 33.43 -7.39
CA LYS B 367 -15.32 34.71 -7.78
C LYS B 367 -13.92 34.89 -7.21
N LEU B 368 -13.67 34.41 -5.98
CA LEU B 368 -12.33 34.46 -5.43
C LEU B 368 -11.39 33.54 -6.21
N VAL B 369 -11.81 32.30 -6.47
CA VAL B 369 -11.00 31.37 -7.25
C VAL B 369 -10.69 31.95 -8.63
N SER B 370 -11.69 32.57 -9.26
CA SER B 370 -11.49 33.14 -10.58
C SER B 370 -10.58 34.37 -10.53
N SER B 371 -10.73 35.20 -9.50
CA SER B 371 -9.86 36.38 -9.36
C SER B 371 -8.40 35.96 -9.20
N ILE B 372 -8.16 34.87 -8.47
CA ILE B 372 -6.80 34.36 -8.32
C ILE B 372 -6.26 33.88 -9.66
N TYR B 373 -7.10 33.20 -10.45
CA TYR B 373 -6.68 32.70 -11.75
C TYR B 373 -6.25 33.84 -12.67
N GLU B 374 -6.92 34.99 -12.58
CA GLU B 374 -6.59 36.10 -13.47
C GLU B 374 -5.23 36.71 -13.17
N VAL B 375 -4.79 36.68 -11.91
CA VAL B 375 -3.59 37.40 -11.52
C VAL B 375 -2.45 36.51 -11.03
N ALA B 376 -2.73 35.29 -10.55
CA ALA B 376 -1.66 34.46 -9.98
C ALA B 376 -0.56 34.09 -10.97
N PRO B 377 -0.85 33.64 -12.19
CA PRO B 377 0.26 33.29 -13.10
C PRO B 377 1.21 34.44 -13.35
N GLY B 378 0.69 35.66 -13.50
CA GLY B 378 1.55 36.81 -13.70
C GLY B 378 2.42 37.10 -12.50
N VAL B 379 1.82 37.09 -11.31
CA VAL B 379 2.58 37.33 -10.08
C VAL B 379 3.66 36.28 -9.89
N LEU B 380 3.30 35.00 -10.09
CA LEU B 380 4.27 33.93 -9.93
C LEU B 380 5.41 34.06 -10.94
N THR B 381 5.10 34.49 -12.16
CA THR B 381 6.15 34.66 -13.17
C THR B 381 7.12 35.76 -12.77
N GLU B 382 6.60 36.89 -12.31
CA GLU B 382 7.47 38.01 -11.92
C GLU B 382 8.26 37.68 -10.66
N HIS B 383 7.66 36.93 -9.73
CA HIS B 383 8.38 36.47 -8.56
C HIS B 383 9.60 35.63 -8.94
N GLY B 384 9.47 34.84 -10.00
CA GLY B 384 10.62 34.20 -10.61
C GLY B 384 11.09 32.91 -9.98
N LYS B 385 10.28 32.28 -9.13
CA LYS B 385 10.67 31.05 -8.46
C LYS B 385 9.80 29.86 -8.82
N THR B 386 8.97 29.97 -9.87
CA THR B 386 8.03 28.93 -10.25
C THR B 386 8.12 28.71 -11.76
N LYS B 387 8.59 27.51 -12.15
CA LYS B 387 8.85 27.24 -13.57
C LYS B 387 7.57 27.26 -14.39
N ASN B 388 6.51 26.61 -13.90
CA ASN B 388 5.25 26.45 -14.63
C ASN B 388 4.14 27.01 -13.74
N PRO B 389 3.89 28.31 -13.80
CA PRO B 389 3.04 28.99 -12.78
C PRO B 389 1.55 28.91 -13.09
N TRP B 390 1.02 27.69 -13.18
CA TRP B 390 -0.35 27.45 -13.58
C TRP B 390 -1.04 26.54 -12.59
N PRO B 391 -2.38 26.58 -12.50
CA PRO B 391 -3.08 25.80 -11.49
C PRO B 391 -3.38 24.38 -11.94
N ASN B 392 -3.56 23.51 -10.94
CA ASN B 392 -3.92 22.11 -11.15
C ASN B 392 -5.36 21.84 -10.74
N VAL B 393 -5.76 20.58 -10.87
CA VAL B 393 -7.14 20.16 -10.61
C VAL B 393 -7.56 20.54 -9.18
N ASP B 394 -6.62 20.47 -8.24
CA ASP B 394 -6.95 20.69 -6.83
C ASP B 394 -7.22 22.15 -6.51
N ALA B 395 -6.79 23.07 -7.39
CA ALA B 395 -7.07 24.48 -7.15
C ALA B 395 -8.55 24.81 -7.33
N HIS B 396 -9.32 23.93 -7.97
CA HIS B 396 -10.70 24.24 -8.34
C HIS B 396 -11.74 23.27 -7.80
N SER B 397 -11.35 22.14 -7.21
CA SER B 397 -12.37 21.13 -6.91
C SER B 397 -13.18 21.48 -5.67
N GLY B 398 -12.53 22.01 -4.64
CA GLY B 398 -13.23 22.28 -3.39
C GLY B 398 -14.36 23.29 -3.53
N VAL B 399 -14.14 24.35 -4.32
CA VAL B 399 -15.17 25.39 -4.46
C VAL B 399 -16.44 24.80 -5.05
N LEU B 400 -16.31 23.85 -6.00
CA LEU B 400 -17.50 23.27 -6.60
C LEU B 400 -18.26 22.38 -5.60
N LEU B 401 -17.52 21.60 -4.80
CA LEU B 401 -18.16 20.78 -3.78
C LEU B 401 -18.87 21.64 -2.75
N GLN B 402 -18.25 22.77 -2.36
CA GLN B 402 -18.85 23.69 -1.39
C GLN B 402 -20.19 24.22 -1.90
N TYR B 403 -20.28 24.54 -3.19
CA TYR B 403 -21.49 25.14 -3.72
C TYR B 403 -22.71 24.25 -3.48
N TYR B 404 -22.55 22.93 -3.64
CA TYR B 404 -23.66 21.99 -3.51
C TYR B 404 -23.86 21.48 -2.09
N GLY B 405 -23.16 22.07 -1.11
CA GLY B 405 -23.40 21.74 0.28
C GLY B 405 -22.49 20.69 0.87
N LEU B 406 -21.57 20.12 0.08
CA LEU B 406 -20.62 19.15 0.62
C LEU B 406 -19.44 19.95 1.16
N LYS B 407 -19.63 20.47 2.38
CA LYS B 407 -18.70 21.38 3.01
C LYS B 407 -17.75 20.71 4.00
N GLU B 408 -17.88 19.40 4.19
CA GLU B 408 -17.10 18.68 5.19
C GLU B 408 -15.79 18.23 4.55
N SER B 409 -14.75 19.05 4.70
CA SER B 409 -13.51 18.85 3.96
C SER B 409 -12.80 17.55 4.34
N SER B 410 -13.02 17.05 5.55
CA SER B 410 -12.39 15.77 5.94
C SER B 410 -12.99 14.58 5.21
N PHE B 411 -14.03 14.79 4.40
CA PHE B 411 -14.61 13.75 3.56
C PHE B 411 -14.05 13.79 2.14
N TYR B 412 -13.31 14.83 1.78
CA TYR B 412 -12.95 15.02 0.37
C TYR B 412 -12.06 13.92 -0.17
N THR B 413 -11.17 13.36 0.66
CA THR B 413 -10.30 12.30 0.14
C THR B 413 -11.07 11.02 -0.10
N VAL B 414 -12.18 10.81 0.62
CA VAL B 414 -13.05 9.68 0.31
C VAL B 414 -13.58 9.80 -1.12
N LEU B 415 -14.06 10.99 -1.50
CA LEU B 415 -14.50 11.21 -2.87
C LEU B 415 -13.37 10.94 -3.85
N PHE B 416 -12.17 11.41 -3.52
CA PHE B 416 -11.00 11.16 -4.37
C PHE B 416 -10.80 9.66 -4.56
N GLY B 417 -10.93 8.88 -3.48
CA GLY B 417 -10.74 7.43 -3.58
C GLY B 417 -11.84 6.74 -4.39
N VAL B 418 -13.08 7.21 -4.26
CA VAL B 418 -14.19 6.67 -5.05
C VAL B 418 -13.92 6.85 -6.54
N SER B 419 -13.20 7.91 -6.91
CA SER B 419 -12.84 8.13 -8.30
C SER B 419 -11.62 7.31 -8.70
N ARG B 420 -10.55 7.41 -7.89
CA ARG B 420 -9.27 6.83 -8.29
C ARG B 420 -9.30 5.32 -8.28
N ALA B 421 -10.28 4.72 -7.59
CA ALA B 421 -10.45 3.28 -7.63
C ALA B 421 -10.62 2.76 -9.05
N PHE B 422 -11.23 3.56 -9.94
CA PHE B 422 -11.39 3.10 -11.32
C PHE B 422 -10.03 2.86 -11.97
N GLY B 423 -9.13 3.85 -11.91
CA GLY B 423 -7.83 3.67 -12.52
C GLY B 423 -7.00 2.59 -11.85
N ILE B 424 -7.06 2.53 -10.52
CA ILE B 424 -6.31 1.52 -9.77
C ILE B 424 -6.75 0.12 -10.18
N LEU B 425 -8.07 -0.12 -10.22
CA LEU B 425 -8.56 -1.45 -10.52
C LEU B 425 -8.35 -1.81 -11.99
N ALA B 426 -8.44 -0.83 -12.90
CA ALA B 426 -8.14 -1.12 -14.30
C ALA B 426 -6.73 -1.68 -14.44
N GLN B 427 -5.75 -1.04 -13.82
CA GLN B 427 -4.38 -1.54 -13.91
C GLN B 427 -4.21 -2.89 -13.22
N LEU B 428 -4.88 -3.10 -12.08
CA LEU B 428 -4.78 -4.38 -11.38
C LEU B 428 -5.28 -5.53 -12.24
N ILE B 429 -6.39 -5.32 -12.95
CA ILE B 429 -6.88 -6.34 -13.87
C ILE B 429 -5.86 -6.61 -14.97
N THR B 430 -5.32 -5.54 -15.55
CA THR B 430 -4.32 -5.68 -16.61
C THR B 430 -3.08 -6.42 -16.12
N ASP B 431 -2.62 -6.10 -14.91
CA ASP B 431 -1.43 -6.75 -14.37
C ASP B 431 -1.63 -8.25 -14.21
N ARG B 432 -2.81 -8.67 -13.76
CA ARG B 432 -3.08 -10.11 -13.66
C ARG B 432 -3.24 -10.74 -15.04
N ALA B 433 -3.83 -10.01 -15.99
CA ALA B 433 -4.01 -10.54 -17.34
C ALA B 433 -2.67 -10.81 -18.03
N ILE B 434 -1.65 -9.99 -17.76
CA ILE B 434 -0.34 -10.21 -18.37
C ILE B 434 0.60 -11.00 -17.47
N GLY B 435 0.15 -11.40 -16.29
CA GLY B 435 1.01 -12.16 -15.38
C GLY B 435 2.18 -11.38 -14.83
N ALA B 436 1.98 -10.11 -14.52
CA ALA B 436 3.07 -9.28 -13.99
C ALA B 436 3.62 -9.89 -12.70
N SER B 437 4.94 -9.76 -12.52
CA SER B 437 5.62 -10.41 -11.42
CA SER B 437 5.62 -10.41 -11.42
C SER B 437 5.56 -9.56 -10.15
N ILE B 438 5.90 -10.20 -9.03
CA ILE B 438 5.91 -9.51 -7.74
C ILE B 438 6.91 -8.35 -7.80
N GLU B 439 6.52 -7.21 -7.24
CA GLU B 439 7.44 -6.08 -7.19
C GLU B 439 8.32 -6.25 -5.97
N ARG B 440 9.63 -6.34 -6.19
CA ARG B 440 10.57 -6.63 -5.13
C ARG B 440 11.96 -6.12 -5.51
N PRO B 441 12.24 -4.85 -5.28
CA PRO B 441 13.58 -4.31 -5.51
C PRO B 441 14.51 -4.68 -4.37
N LYS B 442 15.76 -4.24 -4.47
CA LYS B 442 16.78 -4.49 -3.48
C LYS B 442 16.96 -3.26 -2.58
N SER B 443 17.32 -3.49 -1.33
CA SER B 443 17.66 -2.40 -0.43
C SER B 443 19.07 -2.62 0.11
N TYR B 444 19.63 -1.54 0.65
CA TYR B 444 20.86 -1.60 1.44
C TYR B 444 20.72 -0.63 2.61
N SER B 445 21.54 -0.86 3.64
CA SER B 445 21.69 0.10 4.71
C SER B 445 22.63 1.22 4.26
N THR B 446 22.65 2.31 5.03
CA THR B 446 23.59 3.38 4.71
C THR B 446 25.03 2.88 4.79
N GLU B 447 25.35 2.08 5.80
CA GLU B 447 26.68 1.48 5.89
C GLU B 447 27.03 0.72 4.62
N LYS B 448 26.09 -0.08 4.10
CA LYS B 448 26.36 -0.86 2.90
C LYS B 448 26.36 0.00 1.63
N TYR B 449 25.52 1.04 1.56
CA TYR B 449 25.61 1.94 0.41
C TYR B 449 26.96 2.64 0.37
N LYS B 450 27.52 2.98 1.54
CA LYS B 450 28.84 3.60 1.55
C LYS B 450 29.88 2.66 0.98
N GLU B 451 29.80 1.38 1.33
CA GLU B 451 30.73 0.39 0.77
C GLU B 451 30.52 0.23 -0.73
N LEU B 452 29.26 0.16 -1.16
CA LEU B 452 28.97 0.03 -2.58
CA LEU B 452 28.96 0.03 -2.59
C LEU B 452 29.53 1.21 -3.36
N VAL B 453 29.32 2.43 -2.85
CA VAL B 453 29.79 3.63 -3.53
C VAL B 453 31.31 3.68 -3.55
N LYS B 454 31.95 3.33 -2.43
CA LYS B 454 33.41 3.31 -2.39
C LYS B 454 33.98 2.37 -3.45
N ASN B 455 33.39 1.18 -3.60
CA ASN B 455 33.90 0.24 -4.59
C ASN B 455 33.63 0.72 -6.02
N ILE B 456 32.49 1.38 -6.25
CA ILE B 456 32.21 1.91 -7.57
C ILE B 456 33.21 3.00 -7.94
N GLU B 457 33.50 3.91 -7.00
CA GLU B 457 34.38 5.03 -7.29
C GLU B 457 35.83 4.59 -7.38
N SER B 458 36.23 3.59 -6.59
CA SER B 458 37.58 3.04 -6.68
C SER B 458 37.75 2.14 -7.90
N LYS B 459 36.65 1.62 -8.45
CA LYS B 459 36.54 0.72 -9.59
C LYS B 459 36.87 -0.72 -9.25
N LEU B 460 37.45 -0.99 -8.09
CA LEU B 460 37.79 -2.33 -7.67
C LEU B 460 37.86 -2.34 -6.15
N1A COA C . 7.11 -22.63 -8.00
C2A COA C . 6.82 -22.50 -9.32
N3A COA C . 7.24 -21.56 -10.19
C4A COA C . 8.05 -20.69 -9.59
C5A COA C . 8.44 -20.74 -8.23
C6A COA C . 7.92 -21.74 -7.48
N6A COA C . 8.27 -21.84 -6.07
N7A COA C . 9.36 -19.56 -7.99
C8A COA C . 9.41 -18.97 -9.21
N9A COA C . 8.68 -19.65 -10.02
C1B COA C . 8.56 -19.21 -11.36
C2B COA C . 7.93 -17.86 -11.40
O2B COA C . 6.49 -17.93 -11.30
C3B COA C . 8.35 -17.31 -12.69
O3B COA C . 7.48 -17.91 -13.67
P3B COA C . 7.09 -17.10 -15.05
O7A COA C . 8.26 -16.71 -15.83
O8A COA C . 6.25 -17.86 -15.96
O9A COA C . 6.37 -15.84 -14.83
C4B COA C . 9.73 -17.83 -12.90
O4B COA C . 9.88 -19.00 -12.00
C5B COA C . 10.77 -16.79 -12.60
O5B COA C . 10.53 -16.26 -11.32
P1A COA C . 11.75 -15.97 -10.28
O1A COA C . 12.57 -17.14 -9.99
O2A COA C . 12.69 -14.96 -10.80
O3A COA C . 11.06 -15.47 -8.89
P2A COA C . 10.42 -13.99 -8.56
O4A COA C . 9.81 -13.32 -9.70
O5A COA C . 11.48 -13.13 -8.03
O6A COA C . 9.28 -14.31 -7.43
CBP COA C . 8.61 -15.57 -5.51
CCP COA C . 9.71 -14.72 -6.16
CDP COA C . 7.30 -14.79 -5.57
CEP COA C . 9.01 -15.79 -4.06
CAP COA C . 8.50 -16.91 -6.23
OAP COA C . 9.68 -17.65 -5.96
C9P COA C . 7.30 -17.70 -5.74
O9P COA C . 6.23 -17.59 -6.26
N8P COA C . 7.47 -18.61 -4.63
C7P COA C . 6.35 -19.40 -4.12
C6P COA C . 5.57 -18.54 -3.13
C5P COA C . 6.41 -18.35 -1.86
O5P COA C . 6.95 -19.28 -1.33
N4P COA C . 6.51 -17.02 -1.29
C3P COA C . 7.28 -16.77 -0.09
C2P COA C . 8.54 -16.00 -0.49
S1P COA C . 9.61 -15.80 0.95
C1 GOL D . 20.52 4.44 11.34
O1 GOL D . 19.79 3.36 11.85
C2 GOL D . 21.91 4.38 12.00
O2 GOL D . 22.57 3.18 11.74
C3 GOL D . 21.64 4.57 13.50
O3 GOL D . 22.89 4.58 14.12
C1 GOL E . -19.68 -12.37 4.58
O1 GOL E . -21.00 -12.22 4.14
C2 GOL E . -19.57 -13.72 5.22
O2 GOL E . -20.13 -14.72 4.42
C3 GOL E . -20.29 -13.56 6.55
O3 GOL E . -20.09 -14.75 7.26
K K F . -4.22 -23.28 -0.35
K K F . -6.30 -24.47 -0.46
K K G . 8.36 -4.64 -2.76
CL CL H . 2.39 10.86 -4.39
CL CL H . 2.53 12.31 -2.69
CL CL I . 29.26 7.24 -11.35
O1 OAA J . 12.27 -10.92 1.25
O2 OAA J . 11.02 -10.68 -0.64
O4 OAA J . 10.38 -12.38 4.80
O5 OAA J . 9.71 -10.63 3.50
O3 OAA J . 11.33 -13.67 2.51
C1 OAA J . 11.20 -11.16 0.55
C2 OAA J . 10.11 -12.03 1.12
C3 OAA J . 10.59 -12.60 2.43
C4 OAA J . 10.20 -11.83 3.64
C1 GOL K . -0.53 17.30 -13.74
O1 GOL K . -1.70 16.89 -14.39
C2 GOL K . -0.97 18.01 -12.44
O2 GOL K . -1.61 19.21 -12.71
C3 GOL K . 0.32 18.18 -11.59
O3 GOL K . 1.25 18.87 -12.36
K K L . 5.03 5.71 -5.16
CL CL M . -2.00 11.68 -8.25
CL CL M . -0.24 12.04 -9.38
#